data_5Z3Q
#
_entry.id   5Z3Q
#
_cell.length_a   52.698
_cell.length_b   84.073
_cell.length_c   172.562
_cell.angle_alpha   90.00
_cell.angle_beta   94.21
_cell.angle_gamma   90.00
#
_symmetry.space_group_name_H-M   'P 1 21 1'
#
loop_
_entity.id
_entity.type
_entity.pdbx_description
1 polymer PV-2C
2 non-polymer 'ZINC ION'
3 non-polymer 'PHOSPHATE ION'
4 water water
#
_entity_poly.entity_id   1
_entity_poly.type   'polypeptide(L)'
_entity_poly.pdbx_seq_one_letter_code
;SKHRIEPVCLLVHGSPGTGKSVATNLIARAIAEAENTSTYSLPPDPSHFDGYKQQGVVIMDDLNQNPDGADMKLFCQMVS
TVEFIPPMASLAEAGILFTSNYVLASTNSSRISPPTVAHSDALARRFAFDMDIQVMNEYSRDGKLNMAMATEMCKNCHQP
ANFKRCCPLVCGKAIQLMDKSSRVRYSIDQITTMIINERNRRSNIGNCMEALFQ
;
_entity_poly.pdbx_strand_id   B,A,D,C,E,H
#
loop_
_chem_comp.id
_chem_comp.type
_chem_comp.name
_chem_comp.formula
PO4 non-polymer 'PHOSPHATE ION' 'O4 P -3'
ZN non-polymer 'ZINC ION' 'Zn 2'
#
# COMPACT_ATOMS: atom_id res chain seq x y z
N LYS A 2 -0.97 3.62 3.06
CA LYS A 2 0.45 3.39 3.27
C LYS A 2 0.65 2.94 4.74
N HIS A 3 -0.01 1.84 5.11
CA HIS A 3 -0.17 1.55 6.52
C HIS A 3 0.96 0.70 7.13
N ARG A 4 1.79 -0.01 6.36
CA ARG A 4 2.86 -0.80 6.98
C ARG A 4 4.22 -0.07 6.96
N ILE A 5 5.07 -0.49 7.85
CA ILE A 5 6.38 0.12 7.98
C ILE A 5 7.35 -0.55 7.02
N GLU A 6 8.20 0.24 6.36
CA GLU A 6 9.19 -0.34 5.48
C GLU A 6 9.98 -1.42 6.21
N PRO A 7 10.00 -2.65 5.73
CA PRO A 7 10.96 -3.62 6.26
C PRO A 7 12.39 -3.08 6.23
N VAL A 8 13.16 -3.53 7.22
CA VAL A 8 14.58 -3.28 7.32
C VAL A 8 15.31 -4.27 6.43
N CYS A 9 16.34 -3.80 5.76
CA CYS A 9 16.82 -4.54 4.62
C CYS A 9 18.33 -4.64 4.67
N LEU A 10 18.84 -5.83 4.46
CA LEU A 10 20.24 -6.09 4.49
C LEU A 10 20.65 -6.65 3.14
N LEU A 11 21.76 -6.16 2.62
CA LEU A 11 22.33 -6.65 1.39
C LEU A 11 23.77 -7.02 1.66
N VAL A 12 24.10 -8.28 1.43
CA VAL A 12 25.46 -8.80 1.58
C VAL A 12 25.93 -9.18 0.19
N HIS A 13 26.90 -8.39 -0.32
CA HIS A 13 27.67 -8.70 -1.53
C HIS A 13 28.87 -9.59 -1.25
N GLY A 14 29.12 -10.58 -2.12
CA GLY A 14 30.33 -11.37 -2.04
C GLY A 14 30.48 -12.25 -3.25
N SER A 15 31.74 -12.67 -3.51
CA SER A 15 32.02 -13.76 -4.46
C SER A 15 31.39 -15.08 -4.03
N PRO A 16 31.28 -16.06 -4.90
CA PRO A 16 30.37 -17.18 -4.63
C PRO A 16 30.86 -18.22 -3.64
N GLY A 17 32.13 -18.24 -3.23
CA GLY A 17 32.51 -19.17 -2.19
C GLY A 17 32.70 -18.58 -0.80
N THR A 18 32.34 -17.34 -0.59
CA THR A 18 32.84 -16.58 0.54
C THR A 18 31.87 -16.53 1.73
N GLY A 19 30.81 -17.31 1.71
CA GLY A 19 30.00 -17.48 2.88
C GLY A 19 28.83 -16.53 3.04
N LYS A 20 28.55 -15.66 2.06
CA LYS A 20 27.47 -14.71 2.21
C LYS A 20 26.11 -15.39 2.40
N SER A 21 25.87 -16.51 1.78
CA SER A 21 24.62 -17.20 2.05
C SER A 21 24.57 -17.66 3.50
N VAL A 22 25.62 -18.34 3.93
CA VAL A 22 25.77 -18.77 5.32
C VAL A 22 25.49 -17.60 6.30
N ALA A 23 25.91 -16.39 5.92
CA ALA A 23 25.84 -15.25 6.80
C ALA A 23 24.46 -14.63 6.87
N THR A 24 23.75 -14.55 5.75
CA THR A 24 22.38 -14.07 5.82
C THR A 24 21.50 -15.07 6.56
N ASN A 25 21.76 -16.36 6.45
CA ASN A 25 20.92 -17.30 7.17
C ASN A 25 21.16 -17.28 8.66
N LEU A 26 22.40 -16.97 9.08
CA LEU A 26 22.71 -16.86 10.48
C LEU A 26 22.01 -15.67 11.11
N ILE A 27 22.04 -14.55 10.39
CA ILE A 27 21.44 -13.32 10.84
C ILE A 27 19.94 -13.50 10.94
N ALA A 28 19.35 -14.00 9.84
CA ALA A 28 17.93 -14.29 9.82
C ALA A 28 17.55 -15.17 11.00
N ARG A 29 18.25 -16.27 11.20
CA ARG A 29 17.78 -17.17 12.22
C ARG A 29 17.79 -16.49 13.59
N ALA A 30 18.78 -15.62 13.86
CA ALA A 30 18.89 -14.99 15.18
C ALA A 30 17.88 -13.88 15.37
N ILE A 31 17.60 -13.13 14.30
CA ILE A 31 16.54 -12.13 14.31
C ILE A 31 15.24 -12.80 14.61
N ALA A 32 14.99 -13.90 13.91
CA ALA A 32 13.76 -14.66 14.07
C ALA A 32 13.56 -15.19 15.50
N GLU A 33 14.58 -15.80 16.09
CA GLU A 33 14.46 -16.17 17.48
C GLU A 33 14.12 -14.94 18.32
N ALA A 34 14.85 -13.86 18.09
CA ALA A 34 14.66 -12.63 18.85
C ALA A 34 13.25 -12.07 18.77
N GLU A 35 12.45 -12.44 17.76
CA GLU A 35 11.09 -11.93 17.64
C GLU A 35 10.06 -13.05 17.69
N ASN A 36 10.44 -14.26 18.07
CA ASN A 36 9.60 -15.44 18.00
C ASN A 36 8.80 -15.51 16.70
N THR A 37 9.52 -15.41 15.56
CA THR A 37 8.96 -15.79 14.27
C THR A 37 9.83 -16.85 13.67
N SER A 38 9.45 -17.20 12.44
CA SER A 38 10.14 -18.12 11.56
C SER A 38 10.80 -17.30 10.45
N THR A 39 11.59 -17.96 9.67
CA THR A 39 12.13 -17.37 8.48
C THR A 39 11.39 -17.96 7.29
N TYR A 40 11.27 -17.18 6.23
CA TYR A 40 10.88 -17.68 4.92
C TYR A 40 11.98 -17.37 3.93
N SER A 41 12.46 -18.42 3.25
CA SER A 41 13.49 -18.35 2.21
C SER A 41 12.87 -18.40 0.81
N LEU A 42 13.07 -17.41 0.08
CA LEU A 42 12.86 -17.46 -1.38
C LEU A 42 14.05 -18.10 -2.10
N PRO A 43 13.80 -18.98 -3.09
CA PRO A 43 14.92 -19.51 -3.98
C PRO A 43 15.55 -18.44 -4.86
N PRO A 44 16.67 -18.74 -5.51
CA PRO A 44 17.17 -17.80 -6.51
C PRO A 44 16.19 -17.68 -7.67
N ASP A 45 16.16 -16.50 -8.24
CA ASP A 45 15.21 -16.14 -9.28
C ASP A 45 13.85 -16.75 -8.91
N PRO A 46 13.22 -16.21 -7.88
CA PRO A 46 11.95 -16.77 -7.42
C PRO A 46 10.77 -16.12 -8.11
N SER A 47 9.73 -16.90 -8.23
CA SER A 47 8.48 -16.43 -8.83
C SER A 47 7.34 -16.46 -7.84
N HIS A 48 7.31 -17.45 -6.96
CA HIS A 48 6.13 -17.72 -6.17
C HIS A 48 6.50 -17.70 -4.69
N PHE A 49 5.50 -17.44 -3.86
CA PHE A 49 5.77 -17.29 -2.45
C PHE A 49 5.15 -18.43 -1.64
N ASP A 50 5.02 -19.58 -2.25
CA ASP A 50 4.35 -20.68 -1.56
C ASP A 50 5.05 -20.94 -0.25
N GLY A 51 4.25 -21.18 0.77
CA GLY A 51 4.77 -21.34 2.10
C GLY A 51 4.87 -20.07 2.91
N TYR A 52 4.61 -18.92 2.32
CA TYR A 52 4.72 -17.66 3.03
C TYR A 52 3.51 -17.46 3.91
N LYS A 53 3.76 -17.29 5.20
CA LYS A 53 2.70 -17.17 6.18
C LYS A 53 2.96 -15.94 7.08
N GLN A 54 3.65 -14.91 6.57
CA GLN A 54 3.91 -13.74 7.37
C GLN A 54 4.87 -14.11 8.52
N GLN A 55 5.82 -14.94 8.17
CA GLN A 55 7.06 -15.01 8.89
C GLN A 55 7.68 -13.63 8.87
N GLY A 56 8.34 -13.28 9.97
CA GLY A 56 8.89 -11.95 10.12
C GLY A 56 10.15 -11.64 9.33
N VAL A 57 11.02 -12.62 9.10
CA VAL A 57 12.23 -12.48 8.30
C VAL A 57 12.07 -13.22 6.98
N VAL A 58 12.25 -12.53 5.88
CA VAL A 58 12.33 -13.17 4.57
C VAL A 58 13.77 -13.14 4.13
N ILE A 59 14.18 -14.17 3.41
CA ILE A 59 15.54 -14.23 2.87
C ILE A 59 15.50 -14.41 1.36
N MET A 60 16.34 -13.68 0.68
CA MET A 60 16.59 -13.84 -0.74
C MET A 60 18.06 -14.15 -0.97
N ASP A 61 18.36 -15.12 -1.83
CA ASP A 61 19.75 -15.29 -2.26
C ASP A 61 19.95 -15.12 -3.76
N ASP A 62 21.20 -14.77 -4.12
CA ASP A 62 21.59 -14.53 -5.51
C ASP A 62 20.68 -13.51 -6.16
N LEU A 63 20.53 -12.39 -5.49
CA LEU A 63 19.71 -11.31 -6.01
C LEU A 63 20.35 -10.70 -7.24
N ASN A 64 19.52 -10.43 -8.23
CA ASN A 64 19.90 -9.91 -9.52
C ASN A 64 20.96 -10.77 -10.21
N GLN A 65 21.09 -12.05 -9.82
CA GLN A 65 22.02 -12.94 -10.53
C GLN A 65 21.58 -13.02 -11.97
N ASN A 66 20.28 -13.33 -12.18
CA ASN A 66 19.58 -13.18 -13.43
C ASN A 66 19.21 -11.72 -13.61
N PRO A 67 19.81 -11.01 -14.57
CA PRO A 67 19.65 -9.55 -14.61
C PRO A 67 18.37 -9.12 -15.32
N ASP A 68 17.46 -10.06 -15.54
CA ASP A 68 16.23 -9.78 -16.27
C ASP A 68 15.32 -8.78 -15.57
N GLY A 69 15.30 -8.71 -14.24
CA GLY A 69 14.45 -7.82 -13.47
C GLY A 69 13.53 -8.50 -12.47
N ALA A 70 13.23 -9.79 -12.67
CA ALA A 70 12.32 -10.50 -11.80
C ALA A 70 12.69 -10.35 -10.32
N ASP A 71 13.97 -10.40 -10.00
CA ASP A 71 14.43 -10.29 -8.63
C ASP A 71 14.04 -8.97 -8.01
N MET A 72 14.29 -7.92 -8.77
CA MET A 72 14.26 -6.58 -8.28
C MET A 72 12.85 -6.01 -8.21
N LYS A 73 11.92 -6.47 -9.06
CA LYS A 73 10.52 -6.11 -8.85
C LYS A 73 10.01 -6.65 -7.51
N LEU A 74 10.12 -7.95 -7.27
CA LEU A 74 9.68 -8.48 -6.00
C LEU A 74 10.37 -7.77 -4.86
N PHE A 75 11.67 -7.54 -4.99
CA PHE A 75 12.40 -6.96 -3.88
C PHE A 75 11.78 -5.61 -3.51
N CYS A 76 11.39 -4.85 -4.52
CA CYS A 76 11.01 -3.47 -4.31
C CYS A 76 9.60 -3.36 -3.78
N GLN A 77 8.73 -4.24 -4.28
CA GLN A 77 7.41 -4.47 -3.69
C GLN A 77 7.49 -4.91 -2.21
N MET A 78 8.48 -5.71 -1.81
CA MET A 78 8.60 -6.11 -0.42
C MET A 78 9.16 -5.00 0.44
N VAL A 79 10.22 -4.33 0.00
CA VAL A 79 10.82 -3.27 0.80
C VAL A 79 10.05 -2.00 0.49
N SER A 80 8.83 -1.94 0.98
CA SER A 80 7.95 -0.86 0.59
C SER A 80 7.04 -0.52 1.75
N THR A 81 6.25 0.52 1.57
CA THR A 81 5.25 0.86 2.54
C THR A 81 3.86 0.54 2.04
N VAL A 82 3.71 0.04 0.77
CA VAL A 82 2.39 -0.17 0.17
C VAL A 82 2.02 -1.62 0.31
N GLU A 83 0.72 -1.85 0.34
CA GLU A 83 0.21 -3.20 0.40
C GLU A 83 0.75 -4.05 -0.75
N PHE A 84 1.25 -5.21 -0.41
CA PHE A 84 1.77 -6.09 -1.42
C PHE A 84 1.15 -7.42 -1.11
N ILE A 85 0.46 -7.99 -2.12
CA ILE A 85 -0.10 -9.33 -2.02
C ILE A 85 0.72 -10.24 -2.92
N PRO A 86 1.59 -11.10 -2.41
CA PRO A 86 2.54 -11.78 -3.26
C PRO A 86 1.91 -12.83 -4.13
N PRO A 87 2.60 -13.23 -5.19
CA PRO A 87 2.13 -14.34 -6.03
C PRO A 87 2.40 -15.72 -5.49
N MET A 88 1.47 -16.59 -5.70
CA MET A 88 1.53 -17.95 -5.22
C MET A 88 1.31 -18.88 -6.38
N ALA A 89 1.83 -20.08 -6.25
CA ALA A 89 1.47 -21.07 -7.25
C ALA A 89 0.17 -21.76 -6.85
N SER A 90 -0.01 -22.07 -5.57
CA SER A 90 -1.24 -22.68 -5.09
C SER A 90 -2.34 -21.64 -4.99
N LEU A 91 -3.42 -21.81 -5.77
CA LEU A 91 -4.60 -20.95 -5.66
C LEU A 91 -5.16 -20.87 -4.23
N ALA A 92 -5.17 -22.00 -3.52
CA ALA A 92 -5.60 -22.04 -2.14
C ALA A 92 -4.91 -20.96 -1.32
N GLU A 93 -3.60 -20.77 -1.59
CA GLU A 93 -2.77 -19.89 -0.80
C GLU A 93 -2.81 -18.46 -1.20
N ALA A 94 -3.47 -18.07 -2.27
CA ALA A 94 -3.33 -16.68 -2.72
C ALA A 94 -4.08 -15.70 -1.80
N GLY A 95 -3.63 -14.44 -1.84
CA GLY A 95 -4.24 -13.32 -1.17
C GLY A 95 -3.67 -12.92 0.18
N ILE A 96 -2.75 -13.65 0.75
CA ILE A 96 -2.18 -13.27 2.03
C ILE A 96 -1.40 -11.99 1.86
N LEU A 97 -1.36 -11.16 2.92
CA LEU A 97 -0.62 -9.90 2.81
C LEU A 97 0.82 -10.10 3.22
N PHE A 98 1.71 -9.36 2.57
CA PHE A 98 3.13 -9.31 2.92
C PHE A 98 3.38 -8.27 3.98
N THR A 99 4.00 -8.69 5.03
CA THR A 99 4.11 -7.84 6.22
C THR A 99 5.40 -8.14 6.94
N SER A 100 6.31 -8.87 6.35
CA SER A 100 7.55 -9.10 7.03
C SER A 100 8.22 -7.76 7.33
N ASN A 101 9.07 -7.77 8.36
CA ASN A 101 9.79 -6.58 8.78
C ASN A 101 11.23 -6.60 8.45
N TYR A 102 11.77 -7.76 8.09
CA TYR A 102 13.17 -7.91 7.68
C TYR A 102 13.28 -8.58 6.30
N VAL A 103 14.09 -8.03 5.43
CA VAL A 103 14.46 -8.69 4.17
C VAL A 103 15.96 -8.76 4.13
N LEU A 104 16.49 -9.97 4.03
CA LEU A 104 17.91 -10.20 4.02
C LEU A 104 18.32 -10.82 2.67
N ALA A 105 19.15 -10.13 1.93
CA ALA A 105 19.53 -10.59 0.59
C ALA A 105 21.03 -10.70 0.41
N SER A 106 21.45 -11.72 -0.29
CA SER A 106 22.84 -11.85 -0.75
C SER A 106 22.88 -11.70 -2.28
N THR A 107 24.03 -11.33 -2.82
CA THR A 107 24.17 -11.02 -4.25
C THR A 107 25.64 -11.13 -4.62
N ASN A 108 25.95 -10.89 -5.91
CA ASN A 108 27.34 -10.68 -6.41
C ASN A 108 27.30 -9.58 -7.48
N SER A 109 26.95 -8.35 -7.11
CA SER A 109 26.77 -7.31 -8.12
C SER A 109 27.29 -5.98 -7.58
N SER A 110 26.85 -4.89 -8.20
CA SER A 110 27.14 -3.53 -7.73
C SER A 110 25.85 -2.72 -7.52
N ARG A 111 24.71 -3.40 -7.40
CA ARG A 111 23.43 -2.74 -7.13
C ARG A 111 22.74 -3.28 -5.86
N ASP A 121 19.39 5.42 -6.94
CA ASP A 121 19.08 6.32 -5.82
C ASP A 121 18.00 5.72 -4.93
N ALA A 122 16.87 5.40 -5.56
CA ALA A 122 15.65 5.00 -4.88
C ALA A 122 15.54 3.50 -4.64
N LEU A 123 16.55 2.72 -5.06
CA LEU A 123 16.72 1.33 -4.66
C LEU A 123 17.79 1.19 -3.60
N ALA A 124 18.85 1.98 -3.75
CA ALA A 124 19.81 2.16 -2.67
C ALA A 124 19.12 2.63 -1.40
N ARG A 125 18.14 3.54 -1.54
CA ARG A 125 17.34 4.00 -0.41
C ARG A 125 16.74 2.84 0.40
N ARG A 126 16.64 1.66 -0.22
CA ARG A 126 15.99 0.51 0.38
C ARG A 126 16.95 -0.39 1.16
N PHE A 127 18.23 -0.46 0.75
CA PHE A 127 19.24 -1.10 1.58
C PHE A 127 19.58 -0.19 2.77
N ALA A 128 19.14 -0.56 3.96
CA ALA A 128 19.56 0.15 5.16
C ALA A 128 20.93 -0.32 5.61
N PHE A 129 21.36 -1.47 5.09
CA PHE A 129 22.68 -1.96 5.40
C PHE A 129 23.20 -2.60 4.14
N ASP A 130 24.20 -1.97 3.52
CA ASP A 130 24.82 -2.42 2.27
C ASP A 130 26.25 -2.81 2.59
N MET A 131 26.55 -4.12 2.51
CA MET A 131 27.74 -4.66 3.14
C MET A 131 28.41 -5.66 2.22
N ASP A 132 29.74 -5.71 2.31
CA ASP A 132 30.56 -6.72 1.66
C ASP A 132 31.05 -7.71 2.71
N ILE A 133 31.07 -8.94 2.35
CA ILE A 133 31.56 -9.98 3.21
C ILE A 133 33.02 -10.19 2.86
N GLN A 134 33.80 -10.40 3.91
CA GLN A 134 35.23 -10.55 3.83
C GLN A 134 35.62 -11.69 4.73
N VAL A 135 36.16 -12.73 4.12
CA VAL A 135 36.74 -13.87 4.81
C VAL A 135 38.10 -13.49 5.37
N MET A 136 38.29 -13.63 6.68
CA MET A 136 39.60 -13.43 7.30
C MET A 136 40.54 -14.55 6.89
N ASN A 137 41.84 -14.21 6.77
CA ASN A 137 42.78 -15.06 6.04
C ASN A 137 42.96 -16.41 6.72
N GLU A 138 43.09 -16.39 8.05
CA GLU A 138 43.25 -17.62 8.81
C GLU A 138 42.16 -18.64 8.48
N TYR A 139 40.96 -18.17 8.14
CA TYR A 139 39.86 -19.07 7.79
C TYR A 139 39.64 -19.11 6.29
N SER A 140 40.53 -18.52 5.51
CA SER A 140 40.46 -18.78 4.10
C SER A 140 41.17 -20.07 3.78
N ARG A 141 40.69 -20.73 2.75
CA ARG A 141 41.34 -21.91 2.20
C ARG A 141 41.16 -21.77 0.70
N ASP A 142 42.23 -21.48 0.00
CA ASP A 142 42.13 -21.33 -1.44
C ASP A 142 41.05 -20.30 -1.80
N GLY A 143 40.99 -19.20 -1.04
CA GLY A 143 40.19 -18.03 -1.38
C GLY A 143 38.75 -18.06 -0.90
N LYS A 144 38.21 -19.25 -0.61
CA LYS A 144 36.85 -19.38 -0.16
C LYS A 144 36.81 -19.71 1.34
N LEU A 145 35.64 -19.52 1.94
CA LEU A 145 35.44 -19.79 3.36
C LEU A 145 35.63 -21.26 3.70
N ASN A 146 36.54 -21.54 4.63
CA ASN A 146 36.76 -22.89 5.14
C ASN A 146 35.65 -23.26 6.14
N MET A 147 34.57 -23.89 5.65
CA MET A 147 33.42 -24.11 6.51
C MET A 147 33.77 -25.03 7.66
N ALA A 148 34.56 -26.07 7.43
CA ALA A 148 34.76 -27.02 8.51
C ALA A 148 35.47 -26.40 9.69
N MET A 149 36.29 -25.39 9.42
CA MET A 149 37.05 -24.77 10.49
C MET A 149 36.19 -23.75 11.22
N ALA A 150 35.35 -23.05 10.46
CA ALA A 150 34.57 -21.96 10.97
C ALA A 150 33.39 -22.39 11.84
N THR A 151 32.94 -23.65 11.73
CA THR A 151 31.81 -24.16 12.48
C THR A 151 32.21 -24.79 13.80
N GLU A 152 33.51 -24.90 14.07
CA GLU A 152 33.99 -25.33 15.36
C GLU A 152 33.68 -24.24 16.37
N MET A 153 33.08 -24.62 17.50
CA MET A 153 32.62 -23.65 18.49
C MET A 153 33.81 -22.92 19.11
N CYS A 154 33.63 -21.64 19.36
CA CYS A 154 34.67 -20.87 20.01
C CYS A 154 34.89 -21.38 21.42
N LYS A 155 36.13 -21.29 21.88
CA LYS A 155 36.52 -21.84 23.18
C LYS A 155 36.45 -20.79 24.26
N ASN A 156 37.02 -19.62 24.04
CA ASN A 156 37.13 -18.61 25.10
C ASN A 156 36.58 -17.25 24.61
N CYS A 157 35.27 -17.14 24.44
CA CYS A 157 34.65 -15.95 23.85
C CYS A 157 33.56 -15.44 24.77
N HIS A 158 33.40 -14.12 24.83
CA HIS A 158 32.31 -13.56 25.62
C HIS A 158 30.98 -13.93 24.99
N GLN A 159 29.92 -13.97 25.79
CA GLN A 159 28.69 -14.48 25.24
C GLN A 159 28.25 -13.53 24.12
N PRO A 160 27.63 -14.05 23.08
CA PRO A 160 27.23 -13.18 21.99
C PRO A 160 25.88 -12.62 22.33
N ALA A 161 25.58 -11.49 21.71
CA ALA A 161 24.34 -10.81 21.99
C ALA A 161 23.14 -11.54 21.45
N ASN A 162 23.26 -12.29 20.36
CA ASN A 162 22.07 -12.76 19.65
C ASN A 162 22.09 -14.25 19.38
N PHE A 163 23.12 -14.94 19.81
CA PHE A 163 23.21 -16.36 19.68
C PHE A 163 23.46 -16.98 21.07
N LYS A 164 23.04 -18.23 21.27
CA LYS A 164 23.33 -18.88 22.55
C LYS A 164 24.80 -19.22 22.73
N ARG A 165 25.52 -19.53 21.65
CA ARG A 165 26.94 -19.83 21.75
C ARG A 165 27.67 -19.19 20.60
N CYS A 166 28.98 -19.12 20.71
CA CYS A 166 29.77 -18.43 19.71
C CYS A 166 30.52 -19.45 18.87
N CYS A 167 30.64 -19.13 17.60
CA CYS A 167 31.55 -19.76 16.66
C CYS A 167 32.20 -18.65 15.87
N PRO A 168 33.22 -18.97 15.08
CA PRO A 168 33.94 -17.91 14.35
C PRO A 168 33.10 -17.21 13.30
N LEU A 169 31.96 -17.77 12.93
CA LEU A 169 31.06 -17.08 12.03
C LEU A 169 30.36 -15.95 12.74
N VAL A 170 30.33 -15.98 14.05
CA VAL A 170 29.52 -15.08 14.85
C VAL A 170 30.34 -13.92 15.33
N CYS A 171 31.49 -14.20 15.93
CA CYS A 171 32.22 -13.20 16.71
C CYS A 171 33.18 -12.38 15.86
N GLY A 172 33.19 -12.62 14.56
CA GLY A 172 34.02 -11.86 13.69
C GLY A 172 35.32 -12.52 13.39
N LYS A 173 35.54 -13.76 13.87
CA LYS A 173 36.84 -14.39 13.58
C LYS A 173 36.94 -14.82 12.12
N ALA A 174 35.96 -15.59 11.63
CA ALA A 174 35.98 -16.20 10.31
C ALA A 174 35.58 -15.23 9.20
N ILE A 175 34.53 -14.44 9.41
CA ILE A 175 34.04 -13.57 8.37
C ILE A 175 33.77 -12.24 9.02
N GLN A 176 33.78 -11.17 8.22
CA GLN A 176 33.36 -9.87 8.71
C GLN A 176 32.50 -9.19 7.66
N LEU A 177 31.74 -8.19 8.09
CA LEU A 177 30.85 -7.47 7.20
C LEU A 177 31.28 -6.01 7.17
N MET A 178 31.74 -5.54 6.03
CA MET A 178 32.17 -4.16 5.92
C MET A 178 31.11 -3.31 5.26
N ASP A 179 30.68 -2.28 5.96
CA ASP A 179 29.72 -1.36 5.43
C ASP A 179 30.36 -0.60 4.25
N LYS A 180 29.76 -0.71 3.08
CA LYS A 180 30.35 -0.14 1.87
C LYS A 180 30.50 1.39 1.98
N SER A 181 29.56 2.07 2.62
CA SER A 181 29.64 3.53 2.71
C SER A 181 30.75 3.96 3.64
N SER A 182 30.65 3.58 4.92
CA SER A 182 31.54 4.05 5.97
C SER A 182 32.86 3.30 6.02
N ARG A 183 32.91 2.09 5.48
CA ARG A 183 34.02 1.14 5.46
C ARG A 183 34.29 0.48 6.82
N VAL A 184 33.46 0.76 7.82
CA VAL A 184 33.52 0.08 9.09
C VAL A 184 33.14 -1.40 8.96
N ARG A 185 33.79 -2.22 9.76
CA ARG A 185 33.56 -3.65 9.77
C ARG A 185 32.73 -4.05 10.97
N TYR A 186 31.92 -5.07 10.80
CA TYR A 186 31.10 -5.55 11.89
C TYR A 186 31.15 -7.04 11.84
N SER A 187 31.14 -7.69 13.00
CA SER A 187 30.83 -9.10 13.07
C SER A 187 29.33 -9.33 12.83
N ILE A 188 28.99 -10.59 12.59
CA ILE A 188 27.60 -10.96 12.43
C ILE A 188 26.77 -10.60 13.64
N ASP A 189 27.32 -10.82 14.83
CA ASP A 189 26.54 -10.59 16.04
C ASP A 189 26.23 -9.13 16.17
N GLN A 190 27.21 -8.30 15.84
CA GLN A 190 27.03 -6.86 15.92
C GLN A 190 25.96 -6.37 14.98
N ILE A 191 26.05 -6.82 13.73
CA ILE A 191 25.13 -6.36 12.71
C ILE A 191 23.75 -6.88 12.96
N THR A 192 23.64 -8.05 13.57
CA THR A 192 22.33 -8.43 14.09
C THR A 192 21.81 -7.41 15.09
N THR A 193 22.63 -6.96 16.04
CA THR A 193 21.99 -6.04 17.00
C THR A 193 21.64 -4.77 16.26
N MET A 194 22.48 -4.39 15.31
CA MET A 194 22.20 -3.15 14.58
C MET A 194 20.87 -3.22 13.83
N ILE A 195 20.65 -4.33 13.14
CA ILE A 195 19.43 -4.53 12.34
C ILE A 195 18.21 -4.57 13.25
N ILE A 196 18.24 -5.44 14.24
CA ILE A 196 17.18 -5.41 15.25
C ILE A 196 16.95 -3.98 15.76
N ASN A 197 18.01 -3.26 16.07
CA ASN A 197 17.82 -1.91 16.63
C ASN A 197 17.25 -0.92 15.64
N GLU A 198 17.57 -1.06 14.36
CA GLU A 198 16.92 -0.21 13.36
C GLU A 198 15.42 -0.50 13.30
N ARG A 199 15.06 -1.78 13.23
CA ARG A 199 13.65 -2.08 13.16
C ARG A 199 12.89 -1.54 14.39
N ASN A 200 13.44 -1.73 15.59
CA ASN A 200 12.72 -1.21 16.76
C ASN A 200 12.58 0.29 16.72
N ARG A 201 13.61 0.97 16.25
CA ARG A 201 13.55 2.44 16.15
C ARG A 201 12.43 2.88 15.24
N ARG A 202 12.45 2.38 13.99
CA ARG A 202 11.33 2.60 13.06
C ARG A 202 10.01 2.43 13.72
N SER A 203 9.85 1.34 14.42
CA SER A 203 8.57 1.07 15.02
C SER A 203 8.28 1.98 16.23
N ASN A 204 9.31 2.41 16.99
CA ASN A 204 9.06 3.36 18.10
C ASN A 204 8.71 4.73 17.56
N ILE A 205 9.44 5.21 16.53
CA ILE A 205 9.11 6.51 15.95
C ILE A 205 7.73 6.49 15.38
N GLY A 206 7.43 5.50 14.57
CA GLY A 206 6.05 5.27 14.15
C GLY A 206 4.98 5.39 15.20
N ASN A 207 5.09 4.62 16.29
CA ASN A 207 4.03 4.69 17.30
C ASN A 207 3.96 6.09 17.89
N CYS A 208 5.09 6.75 18.08
CA CYS A 208 5.05 8.10 18.62
C CYS A 208 4.34 9.04 17.66
N MET A 209 4.72 9.04 16.39
CA MET A 209 4.08 9.99 15.48
C MET A 209 2.59 9.76 15.39
N GLU A 210 2.16 8.52 15.34
CA GLU A 210 0.73 8.26 15.38
C GLU A 210 0.10 8.90 16.61
N ALA A 211 0.75 8.77 17.75
CA ALA A 211 0.15 9.23 19.00
C ALA A 211 0.12 10.74 19.08
N LEU A 212 1.17 11.40 18.60
CA LEU A 212 1.26 12.84 18.69
C LEU A 212 0.39 13.51 17.66
N PHE A 213 0.15 12.84 16.56
CA PHE A 213 -0.79 13.34 15.58
C PHE A 213 -1.90 12.29 15.51
N GLN A 214 -2.51 12.10 16.69
CA GLN A 214 -3.70 11.29 17.01
C GLN A 214 -4.57 12.22 17.86
N LYS B 2 12.52 -30.00 14.96
CA LYS B 2 13.60 -29.66 14.04
C LYS B 2 13.54 -30.50 12.76
N HIS B 3 13.69 -29.82 11.63
CA HIS B 3 13.65 -30.47 10.33
C HIS B 3 14.91 -31.30 10.07
N ARG B 4 14.88 -32.05 8.98
CA ARG B 4 15.98 -32.89 8.53
C ARG B 4 16.75 -32.21 7.40
N ILE B 5 18.00 -32.55 7.28
CA ILE B 5 18.79 -31.98 6.18
C ILE B 5 18.45 -32.69 4.88
N GLU B 6 18.48 -31.95 3.82
CA GLU B 6 18.15 -32.51 2.53
C GLU B 6 19.17 -33.57 2.12
N PRO B 7 18.74 -34.73 1.72
CA PRO B 7 19.71 -35.72 1.27
C PRO B 7 20.42 -35.22 0.02
N VAL B 8 21.71 -35.50 -0.03
CA VAL B 8 22.53 -35.37 -1.21
C VAL B 8 22.12 -36.42 -2.23
N CYS B 9 21.89 -35.97 -3.46
CA CYS B 9 21.33 -36.81 -4.52
C CYS B 9 22.19 -36.84 -5.81
N LEU B 10 22.51 -38.05 -6.29
CA LEU B 10 23.16 -38.29 -7.57
C LEU B 10 22.13 -38.79 -8.58
N LEU B 11 22.29 -38.39 -9.83
CA LEU B 11 21.50 -38.89 -10.94
C LEU B 11 22.44 -39.25 -12.10
N VAL B 12 22.44 -40.52 -12.49
CA VAL B 12 23.22 -41.08 -13.59
C VAL B 12 22.30 -41.33 -14.75
N HIS B 13 22.60 -40.71 -15.89
CA HIS B 13 21.93 -41.01 -17.16
C HIS B 13 22.78 -41.93 -18.00
N GLY B 14 22.11 -42.75 -18.79
CA GLY B 14 22.78 -43.64 -19.69
C GLY B 14 21.83 -44.62 -20.34
N SER B 15 22.19 -45.13 -21.50
CA SER B 15 21.40 -46.14 -22.18
C SER B 15 21.44 -47.46 -21.41
N PRO B 16 20.59 -48.41 -21.78
CA PRO B 16 20.33 -49.53 -20.87
C PRO B 16 21.54 -50.28 -20.34
N GLY B 17 22.45 -50.77 -21.17
CA GLY B 17 23.45 -51.65 -20.58
C GLY B 17 24.84 -51.05 -20.39
N THR B 18 24.92 -49.81 -19.92
CA THR B 18 26.17 -49.07 -19.76
C THR B 18 26.62 -48.98 -18.30
N GLY B 19 26.04 -49.73 -17.41
CA GLY B 19 26.56 -49.77 -16.07
C GLY B 19 25.98 -48.79 -15.06
N LYS B 20 24.88 -48.10 -15.41
CA LYS B 20 24.21 -47.21 -14.45
C LYS B 20 24.01 -47.91 -13.15
N SER B 21 23.36 -49.07 -13.21
CA SER B 21 23.00 -49.73 -11.97
C SER B 21 24.23 -50.28 -11.27
N VAL B 22 25.14 -50.92 -11.99
CA VAL B 22 26.32 -51.34 -11.26
C VAL B 22 27.02 -50.14 -10.64
N ALA B 23 26.94 -48.96 -11.29
CA ALA B 23 27.61 -47.78 -10.78
C ALA B 23 26.89 -47.22 -9.56
N THR B 24 25.60 -46.93 -9.65
CA THR B 24 24.95 -46.39 -8.47
C THR B 24 25.07 -47.35 -7.29
N ASN B 25 25.15 -48.66 -7.55
CA ASN B 25 25.17 -49.58 -6.41
C ASN B 25 26.55 -49.63 -5.81
N LEU B 26 27.58 -49.50 -6.65
CA LEU B 26 28.93 -49.47 -6.14
C LEU B 26 29.17 -48.26 -5.28
N ILE B 27 28.48 -47.18 -5.56
CA ILE B 27 28.66 -45.93 -4.87
C ILE B 27 27.85 -45.97 -3.58
N ALA B 28 26.64 -46.52 -3.67
CA ALA B 28 25.80 -46.69 -2.48
C ALA B 28 26.49 -47.46 -1.38
N ARG B 29 26.99 -48.65 -1.71
CA ARG B 29 27.68 -49.50 -0.72
C ARG B 29 28.97 -48.88 -0.15
N ALA B 30 29.73 -48.14 -0.96
CA ALA B 30 30.92 -47.49 -0.45
C ALA B 30 30.56 -46.40 0.57
N ILE B 31 29.54 -45.64 0.25
CA ILE B 31 29.00 -44.63 1.14
C ILE B 31 28.53 -45.30 2.44
N ALA B 32 27.82 -46.41 2.32
CA ALA B 32 27.30 -47.10 3.50
C ALA B 32 28.42 -47.64 4.37
N GLU B 33 29.43 -48.23 3.77
CA GLU B 33 30.61 -48.57 4.53
C GLU B 33 31.15 -47.34 5.30
N ALA B 34 31.47 -46.24 4.59
CA ALA B 34 32.02 -45.04 5.21
C ALA B 34 31.18 -44.55 6.41
N GLU B 35 29.89 -44.86 6.44
CA GLU B 35 28.98 -44.26 7.40
C GLU B 35 28.28 -45.33 8.24
N ASN B 36 28.82 -46.54 8.29
CA ASN B 36 28.27 -47.67 9.06
C ASN B 36 26.75 -47.74 8.96
N THR B 37 26.26 -47.88 7.73
CA THR B 37 24.84 -48.02 7.48
C THR B 37 24.65 -49.02 6.37
N SER B 38 23.46 -49.02 5.81
CA SER B 38 23.01 -49.95 4.81
C SER B 38 22.31 -49.20 3.66
N THR B 39 21.95 -49.91 2.60
CA THR B 39 21.30 -49.28 1.49
C THR B 39 19.93 -49.87 1.44
N TYR B 40 19.05 -49.18 0.78
CA TYR B 40 17.73 -49.68 0.59
C TYR B 40 17.41 -49.40 -0.88
N SER B 41 16.99 -50.41 -1.60
CA SER B 41 16.72 -50.23 -3.03
C SER B 41 15.24 -50.14 -3.31
N LEU B 42 14.86 -49.15 -4.09
CA LEU B 42 13.49 -49.07 -4.55
C LEU B 42 13.37 -49.63 -5.97
N PRO B 43 12.30 -50.36 -6.28
CA PRO B 43 12.12 -50.89 -7.64
C PRO B 43 11.85 -49.78 -8.62
N PRO B 44 11.92 -50.08 -9.91
CA PRO B 44 11.30 -49.19 -10.91
C PRO B 44 9.81 -49.22 -10.70
N ASP B 45 9.15 -48.12 -11.06
CA ASP B 45 7.76 -47.91 -10.67
C ASP B 45 7.68 -48.00 -9.14
N PRO B 46 8.42 -47.14 -8.41
CA PRO B 46 8.44 -47.27 -6.95
C PRO B 46 7.17 -46.74 -6.33
N SER B 47 6.55 -47.55 -5.46
CA SER B 47 5.29 -47.16 -4.82
C SER B 47 5.22 -47.39 -3.30
N HIS B 48 5.99 -48.33 -2.73
CA HIS B 48 5.90 -48.82 -1.35
C HIS B 48 7.31 -48.84 -0.78
N PHE B 49 7.46 -48.49 0.48
CA PHE B 49 8.81 -48.55 1.04
C PHE B 49 8.94 -49.65 2.05
N ASP B 50 8.17 -50.70 1.91
CA ASP B 50 8.32 -51.86 2.78
C ASP B 50 9.76 -52.37 2.76
N GLY B 51 10.30 -52.56 3.98
CA GLY B 51 11.66 -52.93 4.20
C GLY B 51 12.55 -51.76 4.47
N TYR B 52 12.06 -50.58 4.24
CA TYR B 52 12.80 -49.42 4.65
C TYR B 52 12.85 -49.36 6.16
N LYS B 53 14.05 -49.28 6.71
CA LYS B 53 14.35 -49.09 8.12
C LYS B 53 15.36 -47.98 8.30
N GLN B 54 15.23 -46.89 7.55
CA GLN B 54 16.08 -45.71 7.71
C GLN B 54 17.55 -45.97 7.40
N GLN B 55 17.79 -46.90 6.51
CA GLN B 55 19.06 -47.00 5.78
C GLN B 55 19.53 -45.63 5.38
N GLY B 56 20.83 -45.40 5.51
CA GLY B 56 21.34 -44.10 5.16
C GLY B 56 21.36 -43.82 3.67
N VAL B 57 21.40 -44.83 2.84
CA VAL B 57 21.59 -44.66 1.42
C VAL B 57 20.43 -45.31 0.76
N VAL B 58 19.74 -44.58 -0.08
CA VAL B 58 18.62 -45.11 -0.82
C VAL B 58 18.99 -45.09 -2.29
N ILE B 59 18.66 -46.16 -2.97
CA ILE B 59 18.84 -46.24 -4.40
C ILE B 59 17.51 -46.25 -5.14
N MET B 60 17.42 -45.49 -6.22
CA MET B 60 16.32 -45.63 -7.18
C MET B 60 16.84 -46.06 -8.53
N ASP B 61 16.19 -47.02 -9.16
CA ASP B 61 16.62 -47.38 -10.52
C ASP B 61 15.50 -47.08 -11.50
N ASP B 62 15.90 -46.95 -12.75
CA ASP B 62 15.01 -46.41 -13.77
C ASP B 62 14.05 -45.37 -13.22
N LEU B 63 14.59 -44.22 -12.79
CA LEU B 63 13.78 -43.06 -12.45
C LEU B 63 13.21 -42.40 -13.71
N ASN B 64 11.91 -42.28 -13.75
CA ASN B 64 11.24 -41.63 -14.88
C ASN B 64 11.31 -40.11 -14.72
N GLN B 65 11.84 -39.42 -15.73
CA GLN B 65 12.22 -38.02 -15.59
C GLN B 65 11.06 -37.03 -15.71
N ASN B 66 9.85 -37.48 -16.03
CA ASN B 66 8.70 -36.59 -16.18
C ASN B 66 8.38 -35.84 -14.89
N PRO B 67 8.27 -34.49 -14.90
CA PRO B 67 7.94 -33.80 -13.65
C PRO B 67 6.51 -34.04 -13.20
N ASP B 68 5.59 -34.33 -14.11
CA ASP B 68 4.25 -34.66 -13.66
C ASP B 68 4.04 -36.15 -13.42
N GLY B 69 5.07 -36.97 -13.57
CA GLY B 69 4.93 -38.39 -13.33
C GLY B 69 5.02 -38.79 -11.85
N ALA B 70 4.62 -40.03 -11.56
CA ALA B 70 4.64 -40.54 -10.20
C ALA B 70 6.06 -40.66 -9.62
N ASP B 71 7.02 -41.09 -10.45
CA ASP B 71 8.42 -41.24 -10.03
C ASP B 71 8.97 -39.94 -9.44
N MET B 72 8.68 -38.78 -10.06
CA MET B 72 9.25 -37.51 -9.58
C MET B 72 8.48 -36.92 -8.40
N LYS B 73 7.19 -37.19 -8.30
CA LYS B 73 6.44 -36.71 -7.15
C LYS B 73 6.98 -37.31 -5.88
N LEU B 74 7.48 -38.53 -5.97
CA LEU B 74 8.10 -39.22 -4.86
C LEU B 74 9.48 -38.67 -4.58
N PHE B 75 10.35 -38.75 -5.57
CA PHE B 75 11.61 -38.05 -5.50
C PHE B 75 11.52 -36.72 -4.77
N CYS B 76 10.51 -35.91 -5.04
CA CYS B 76 10.50 -34.59 -4.45
C CYS B 76 10.20 -34.66 -2.97
N GLN B 77 9.31 -35.58 -2.59
CA GLN B 77 9.06 -35.86 -1.18
C GLN B 77 10.32 -36.36 -0.49
N MET B 78 11.03 -37.28 -1.12
CA MET B 78 12.22 -37.86 -0.49
C MET B 78 13.31 -36.84 -0.36
N VAL B 79 13.50 -35.99 -1.38
CA VAL B 79 14.68 -35.14 -1.42
C VAL B 79 14.23 -33.77 -1.02
N SER B 80 14.05 -33.58 0.25
CA SER B 80 13.43 -32.38 0.76
C SER B 80 13.80 -32.29 2.23
N THR B 81 13.50 -31.16 2.85
CA THR B 81 13.65 -30.98 4.29
C THR B 81 12.34 -31.16 5.00
N VAL B 82 11.28 -31.50 4.24
CA VAL B 82 9.93 -31.70 4.75
C VAL B 82 9.78 -33.08 5.31
N GLU B 83 9.07 -33.21 6.38
CA GLU B 83 8.75 -34.53 6.87
C GLU B 83 8.19 -35.37 5.76
N PHE B 84 8.70 -36.60 5.64
CA PHE B 84 8.16 -37.59 4.70
C PHE B 84 7.83 -38.87 5.47
N ILE B 85 6.58 -39.29 5.45
CA ILE B 85 6.28 -40.62 5.98
C ILE B 85 5.95 -41.60 4.84
N PRO B 86 6.89 -42.40 4.37
CA PRO B 86 6.66 -43.12 3.12
C PRO B 86 5.54 -44.13 3.26
N PRO B 87 4.77 -44.33 2.21
CA PRO B 87 3.69 -45.32 2.26
C PRO B 87 4.24 -46.71 2.33
N MET B 88 3.45 -47.56 2.95
CA MET B 88 3.80 -48.96 3.15
C MET B 88 2.59 -49.80 2.90
N ALA B 89 2.83 -50.99 2.36
CA ALA B 89 1.76 -51.98 2.28
C ALA B 89 1.38 -52.53 3.68
N SER B 90 2.37 -52.95 4.46
CA SER B 90 2.08 -53.53 5.78
C SER B 90 1.63 -52.49 6.78
N LEU B 91 0.48 -52.68 7.42
CA LEU B 91 0.13 -51.81 8.55
C LEU B 91 1.27 -51.74 9.55
N ALA B 92 1.86 -52.88 9.90
CA ALA B 92 2.91 -52.93 10.90
C ALA B 92 4.10 -52.03 10.56
N GLU B 93 4.44 -51.95 9.30
CA GLU B 93 5.57 -51.09 8.99
C GLU B 93 5.18 -49.63 8.85
N ALA B 94 3.92 -49.29 8.79
CA ALA B 94 3.57 -47.93 8.43
C ALA B 94 3.93 -46.96 9.55
N GLY B 95 4.42 -45.80 9.15
CA GLY B 95 4.62 -44.73 10.08
C GLY B 95 6.02 -44.38 10.37
N ILE B 96 6.99 -45.12 9.85
CA ILE B 96 8.38 -44.75 9.97
C ILE B 96 8.66 -43.49 9.16
N LEU B 97 9.57 -42.69 9.63
CA LEU B 97 10.00 -41.49 8.94
C LEU B 97 11.14 -41.73 7.96
N PHE B 98 11.11 -40.98 6.89
CA PHE B 98 12.22 -41.01 5.97
C PHE B 98 13.26 -40.03 6.43
N THR B 99 14.46 -40.54 6.71
CA THR B 99 15.59 -39.70 7.10
C THR B 99 16.91 -40.02 6.44
N SER B 100 16.92 -40.69 5.31
CA SER B 100 18.16 -41.01 4.68
C SER B 100 18.84 -39.74 4.17
N ASN B 101 20.18 -39.76 4.14
CA ASN B 101 21.03 -38.67 3.69
C ASN B 101 21.48 -38.76 2.24
N TYR B 102 21.45 -39.94 1.65
CA TYR B 102 21.86 -40.12 0.28
C TYR B 102 20.77 -40.78 -0.54
N VAL B 103 20.49 -40.19 -1.67
CA VAL B 103 19.58 -40.75 -2.64
C VAL B 103 20.33 -40.78 -3.96
N LEU B 104 20.44 -41.95 -4.57
CA LEU B 104 21.21 -42.22 -5.78
C LEU B 104 20.27 -42.83 -6.79
N ALA B 105 20.11 -42.20 -7.94
CA ALA B 105 19.19 -42.72 -8.95
C ALA B 105 19.89 -42.96 -10.30
N SER B 106 19.26 -43.76 -11.12
CA SER B 106 19.69 -43.88 -12.50
C SER B 106 18.48 -43.81 -13.43
N THR B 107 18.69 -43.19 -14.60
CA THR B 107 17.68 -42.98 -15.65
C THR B 107 18.35 -43.20 -17.01
N ASN B 108 17.62 -43.06 -18.11
CA ASN B 108 18.37 -43.08 -19.40
C ASN B 108 18.12 -41.97 -20.42
N SER B 120 10.51 -26.86 -12.29
CA SER B 120 11.59 -27.48 -13.08
C SER B 120 12.93 -26.81 -12.73
N ASP B 121 12.86 -25.58 -12.21
CA ASP B 121 14.04 -25.02 -11.54
C ASP B 121 14.26 -25.71 -10.21
N ALA B 122 13.17 -25.97 -9.48
CA ALA B 122 13.24 -26.52 -8.15
C ALA B 122 13.42 -28.03 -8.11
N LEU B 123 13.09 -28.77 -9.19
CA LEU B 123 13.50 -30.17 -9.24
C LEU B 123 14.89 -30.28 -9.81
N ALA B 124 15.37 -29.26 -10.47
CA ALA B 124 16.72 -29.32 -10.99
C ALA B 124 17.74 -29.10 -9.90
N ARG B 125 17.43 -28.21 -8.93
CA ARG B 125 18.37 -27.90 -7.83
C ARG B 125 18.46 -29.04 -6.83
N ARG B 126 17.52 -29.97 -6.86
CA ARG B 126 17.63 -31.18 -6.03
C ARG B 126 18.71 -32.17 -6.52
N PHE B 127 18.98 -32.26 -7.82
CA PHE B 127 20.04 -33.17 -8.24
C PHE B 127 21.36 -32.47 -7.93
N ALA B 128 21.92 -32.75 -6.75
CA ALA B 128 23.22 -32.20 -6.41
C ALA B 128 24.29 -32.61 -7.45
N PHE B 129 24.14 -33.76 -8.08
CA PHE B 129 25.10 -34.27 -9.07
C PHE B 129 24.30 -34.94 -10.16
N ASP B 130 24.37 -34.39 -11.35
CA ASP B 130 23.59 -34.87 -12.49
C ASP B 130 24.54 -35.31 -13.59
N MET B 131 24.60 -36.61 -13.85
CA MET B 131 25.77 -37.11 -14.55
C MET B 131 25.38 -38.12 -15.60
N ASP B 132 26.22 -38.15 -16.62
CA ASP B 132 26.09 -39.08 -17.74
C ASP B 132 27.14 -40.12 -17.52
N ILE B 133 26.72 -41.37 -17.57
CA ILE B 133 27.69 -42.43 -17.52
C ILE B 133 28.26 -42.60 -18.91
N GLN B 134 29.54 -42.97 -18.95
CA GLN B 134 30.30 -43.18 -20.17
C GLN B 134 31.09 -44.45 -20.02
N VAL B 135 30.87 -45.39 -20.93
CA VAL B 135 31.65 -46.60 -21.03
C VAL B 135 32.90 -46.29 -21.84
N MET B 136 34.07 -46.46 -21.23
CA MET B 136 35.34 -46.30 -21.90
C MET B 136 35.56 -47.40 -22.93
N ASN B 137 36.32 -47.08 -23.99
CA ASN B 137 36.11 -47.77 -25.27
C ASN B 137 36.60 -49.22 -25.24
N GLU B 138 37.72 -49.49 -24.57
CA GLU B 138 38.15 -50.88 -24.43
C GLU B 138 37.13 -51.77 -23.71
N TYR B 139 36.34 -51.22 -22.80
CA TYR B 139 35.47 -52.07 -22.02
C TYR B 139 34.10 -52.21 -22.64
N SER B 140 33.89 -51.61 -23.80
CA SER B 140 32.63 -51.66 -24.50
C SER B 140 32.54 -52.83 -25.47
N ARG B 141 31.37 -53.40 -25.56
CA ARG B 141 31.04 -54.48 -26.47
C ARG B 141 29.74 -54.01 -27.11
N ASP B 142 29.85 -53.54 -28.35
CA ASP B 142 28.69 -53.07 -29.11
C ASP B 142 28.00 -51.95 -28.36
N GLY B 143 28.80 -51.05 -27.81
CA GLY B 143 28.27 -49.98 -26.99
C GLY B 143 27.92 -50.36 -25.57
N LYS B 144 27.64 -51.63 -25.29
CA LYS B 144 27.31 -52.00 -23.92
C LYS B 144 28.58 -52.29 -23.12
N LEU B 145 28.46 -52.28 -21.81
CA LEU B 145 29.63 -52.47 -20.97
C LEU B 145 29.89 -53.94 -20.76
N ASN B 146 31.16 -54.32 -20.89
CA ASN B 146 31.60 -55.71 -20.74
C ASN B 146 31.85 -56.02 -19.27
N MET B 147 30.86 -56.62 -18.63
CA MET B 147 30.90 -56.83 -17.18
C MET B 147 32.02 -57.75 -16.79
N ALA B 148 32.19 -58.87 -17.51
CA ALA B 148 33.27 -59.81 -17.27
C ALA B 148 34.63 -59.14 -17.22
N MET B 149 34.88 -58.21 -18.10
CA MET B 149 36.18 -57.55 -18.08
C MET B 149 36.21 -56.41 -17.04
N ALA B 150 35.11 -55.68 -16.90
CA ALA B 150 35.06 -54.62 -15.92
C ALA B 150 35.14 -55.10 -14.45
N THR B 151 34.85 -56.38 -14.14
CA THR B 151 34.89 -56.89 -12.78
C THR B 151 36.20 -57.63 -12.46
N GLU B 152 37.23 -57.56 -13.32
CA GLU B 152 38.53 -58.15 -12.99
C GLU B 152 39.33 -57.19 -12.09
N MET B 153 39.76 -57.66 -10.93
CA MET B 153 40.46 -56.78 -10.01
C MET B 153 41.77 -56.27 -10.59
N CYS B 154 42.08 -55.03 -10.24
CA CYS B 154 43.24 -54.38 -10.76
C CYS B 154 44.44 -54.90 -10.01
N LYS B 155 45.56 -54.92 -10.70
CA LYS B 155 46.82 -55.39 -10.18
C LYS B 155 47.80 -54.28 -9.93
N ASN B 156 47.62 -53.16 -10.61
CA ASN B 156 48.53 -52.03 -10.67
C ASN B 156 47.97 -50.76 -10.08
N CYS B 157 46.80 -50.77 -9.46
CA CYS B 157 46.19 -49.50 -9.10
C CYS B 157 46.58 -49.14 -7.68
N HIS B 158 46.57 -47.87 -7.36
CA HIS B 158 46.68 -47.56 -5.94
C HIS B 158 45.37 -47.87 -5.23
N GLN B 159 45.48 -48.10 -3.94
CA GLN B 159 44.28 -48.34 -3.17
C GLN B 159 43.29 -47.19 -3.34
N PRO B 160 42.05 -47.45 -3.73
CA PRO B 160 41.06 -46.37 -3.79
C PRO B 160 40.85 -45.70 -2.43
N ALA B 161 40.35 -44.49 -2.55
CA ALA B 161 39.86 -43.69 -1.46
C ALA B 161 38.74 -44.37 -0.71
N ASN B 162 37.85 -45.04 -1.42
CA ASN B 162 36.56 -45.42 -0.85
C ASN B 162 36.31 -46.89 -0.92
N PHE B 163 37.23 -47.63 -1.47
CA PHE B 163 37.14 -49.07 -1.69
C PHE B 163 38.46 -49.68 -1.23
N LYS B 164 38.39 -50.89 -0.73
CA LYS B 164 39.56 -51.58 -0.24
C LYS B 164 40.41 -52.20 -1.33
N ARG B 165 39.84 -52.47 -2.51
CA ARG B 165 40.61 -52.87 -3.65
C ARG B 165 40.11 -52.10 -4.85
N CYS B 166 40.89 -52.14 -5.93
CA CYS B 166 40.53 -51.47 -7.18
C CYS B 166 40.12 -52.48 -8.21
N CYS B 167 39.20 -52.04 -9.07
CA CYS B 167 38.84 -52.75 -10.29
C CYS B 167 38.42 -51.73 -11.33
N PRO B 168 38.24 -52.14 -12.54
CA PRO B 168 38.03 -51.14 -13.58
C PRO B 168 36.81 -50.28 -13.36
N LEU B 169 35.76 -50.78 -12.75
CA LEU B 169 34.62 -49.93 -12.48
C LEU B 169 34.91 -48.85 -11.44
N VAL B 170 35.97 -48.96 -10.64
CA VAL B 170 36.23 -48.01 -9.54
C VAL B 170 37.16 -46.87 -9.97
N CYS B 171 38.25 -47.21 -10.68
CA CYS B 171 39.30 -46.24 -10.99
C CYS B 171 39.10 -45.48 -12.32
N GLY B 172 38.01 -45.66 -13.01
CA GLY B 172 37.84 -44.94 -14.26
C GLY B 172 38.24 -45.69 -15.55
N LYS B 173 38.81 -46.90 -15.46
CA LYS B 173 39.28 -47.60 -16.64
C LYS B 173 38.12 -48.00 -17.53
N ALA B 174 37.05 -48.47 -16.91
CA ALA B 174 35.89 -49.02 -17.58
C ALA B 174 34.71 -48.07 -17.64
N ILE B 175 34.51 -47.21 -16.65
CA ILE B 175 33.38 -46.29 -16.70
C ILE B 175 33.76 -45.00 -16.04
N GLN B 176 33.14 -43.94 -16.55
CA GLN B 176 33.34 -42.62 -16.01
C GLN B 176 32.01 -41.95 -15.95
N LEU B 177 31.91 -41.01 -15.01
CA LEU B 177 30.75 -40.16 -14.85
C LEU B 177 31.18 -38.75 -15.28
N MET B 178 30.39 -38.16 -16.17
CA MET B 178 30.65 -36.85 -16.71
C MET B 178 29.63 -35.90 -16.13
N ASP B 179 30.08 -34.79 -15.51
CA ASP B 179 29.11 -33.84 -15.00
C ASP B 179 28.42 -33.17 -16.17
N LYS B 180 27.09 -33.20 -16.18
CA LYS B 180 26.36 -32.73 -17.33
C LYS B 180 26.62 -31.25 -17.54
N SER B 181 26.87 -30.51 -16.46
CA SER B 181 27.03 -29.07 -16.57
C SER B 181 28.48 -28.67 -16.85
N SER B 182 29.45 -29.16 -16.06
CA SER B 182 30.85 -28.77 -16.23
C SER B 182 31.59 -29.62 -17.25
N ARG B 183 31.14 -30.83 -17.50
CA ARG B 183 31.79 -31.72 -18.48
C ARG B 183 33.13 -32.25 -18.01
N VAL B 184 33.47 -32.02 -16.75
CA VAL B 184 34.53 -32.81 -16.16
C VAL B 184 34.06 -34.26 -16.03
N ARG B 185 35.01 -35.18 -16.18
CA ARG B 185 34.80 -36.60 -15.98
C ARG B 185 35.47 -37.10 -14.68
N TYR B 186 34.87 -38.13 -14.07
CA TYR B 186 35.38 -38.66 -12.80
C TYR B 186 35.22 -40.17 -12.71
N SER B 187 36.13 -40.80 -11.99
CA SER B 187 35.93 -42.20 -11.65
C SER B 187 34.83 -42.34 -10.58
N ILE B 188 34.29 -43.56 -10.51
CA ILE B 188 33.40 -43.90 -9.41
C ILE B 188 34.04 -43.49 -8.09
N ASP B 189 35.37 -43.65 -7.94
CA ASP B 189 36.08 -43.36 -6.70
C ASP B 189 36.08 -41.87 -6.41
N GLN B 190 36.12 -41.05 -7.44
CA GLN B 190 36.12 -39.62 -7.17
C GLN B 190 34.72 -39.12 -6.82
N ILE B 191 33.71 -39.65 -7.49
CA ILE B 191 32.38 -39.15 -7.26
C ILE B 191 31.89 -39.53 -5.86
N THR B 192 32.19 -40.75 -5.36
CA THR B 192 31.84 -41.05 -3.99
C THR B 192 32.49 -40.05 -3.00
N THR B 193 33.79 -39.75 -3.15
CA THR B 193 34.38 -38.77 -2.23
C THR B 193 33.69 -37.43 -2.34
N MET B 194 33.22 -37.08 -3.53
CA MET B 194 32.53 -35.79 -3.67
C MET B 194 31.18 -35.77 -2.98
N ILE B 195 30.50 -36.92 -2.97
CA ILE B 195 29.19 -37.07 -2.41
C ILE B 195 29.26 -37.12 -0.89
N ILE B 196 30.14 -37.98 -0.36
CA ILE B 196 30.36 -37.99 1.08
C ILE B 196 30.81 -36.61 1.53
N ASN B 197 31.67 -35.98 0.74
CA ASN B 197 32.13 -34.64 1.10
C ASN B 197 31.00 -33.62 1.12
N GLU B 198 30.14 -33.60 0.08
CA GLU B 198 28.98 -32.74 0.11
C GLU B 198 28.08 -33.04 1.31
N ARG B 199 27.70 -34.31 1.51
CA ARG B 199 26.84 -34.65 2.65
C ARG B 199 27.44 -34.06 3.93
N ASN B 200 28.75 -34.19 4.07
CA ASN B 200 29.44 -33.66 5.23
C ASN B 200 29.34 -32.13 5.35
N ARG B 201 29.53 -31.40 4.22
CA ARG B 201 29.41 -29.95 4.25
C ARG B 201 28.03 -29.57 4.70
N ARG B 202 27.01 -30.21 4.14
CA ARG B 202 25.66 -29.84 4.51
C ARG B 202 25.44 -30.03 6.00
N SER B 203 26.06 -31.06 6.59
CA SER B 203 25.73 -31.36 7.95
C SER B 203 26.61 -30.63 8.93
N ASN B 204 27.80 -30.18 8.51
CA ASN B 204 28.61 -29.29 9.33
C ASN B 204 27.88 -27.96 9.58
N ILE B 205 27.19 -27.47 8.55
CA ILE B 205 26.37 -26.28 8.65
C ILE B 205 25.14 -26.56 9.54
N GLY B 206 24.33 -27.58 9.20
CA GLY B 206 23.18 -27.93 10.05
C GLY B 206 23.55 -28.07 11.53
N ASN B 207 24.66 -28.73 11.82
CA ASN B 207 25.00 -28.98 13.20
C ASN B 207 25.23 -27.67 13.90
N CYS B 208 26.01 -26.79 13.24
CA CYS B 208 26.39 -25.49 13.78
C CYS B 208 25.17 -24.62 14.04
N MET B 209 24.32 -24.46 13.04
CA MET B 209 23.09 -23.73 13.27
C MET B 209 22.36 -24.27 14.49
N GLU B 210 22.20 -25.58 14.60
CA GLU B 210 21.49 -26.06 15.78
C GLU B 210 22.32 -25.80 17.03
N ALA B 211 23.61 -25.94 16.93
CA ALA B 211 24.43 -25.64 18.09
C ALA B 211 24.20 -24.21 18.57
N LEU B 212 24.22 -23.23 17.65
CA LEU B 212 24.16 -21.82 17.99
C LEU B 212 22.80 -21.39 18.57
N PHE B 213 21.75 -22.14 18.32
CA PHE B 213 20.43 -21.79 18.82
C PHE B 213 19.72 -22.85 19.67
N GLN B 214 20.24 -24.05 19.81
CA GLN B 214 19.73 -25.01 20.83
C GLN B 214 20.22 -24.63 22.22
N LYS C 2 -5.17 -27.69 -8.60
CA LYS C 2 -5.78 -27.77 -9.92
C LYS C 2 -6.86 -26.72 -10.13
N HIS C 3 -7.99 -26.86 -9.45
CA HIS C 3 -9.04 -25.86 -9.55
C HIS C 3 -9.16 -25.07 -8.26
N ARG C 4 -9.85 -23.95 -8.38
CA ARG C 4 -10.10 -23.11 -7.23
C ARG C 4 -11.41 -23.50 -6.57
N ILE C 5 -11.42 -23.38 -5.24
CA ILE C 5 -12.61 -23.65 -4.46
C ILE C 5 -13.60 -22.51 -4.70
N GLU C 6 -14.87 -22.85 -4.69
CA GLU C 6 -15.93 -21.87 -4.92
C GLU C 6 -16.02 -20.87 -3.76
N PRO C 7 -15.86 -19.58 -4.01
CA PRO C 7 -16.00 -18.60 -2.94
C PRO C 7 -17.30 -18.79 -2.19
N VAL C 8 -17.21 -18.90 -0.85
CA VAL C 8 -18.37 -18.77 -0.01
C VAL C 8 -19.00 -17.41 -0.24
N CYS C 9 -20.32 -17.37 -0.45
CA CYS C 9 -21.02 -16.17 -0.83
C CYS C 9 -22.23 -15.84 0.03
N LEU C 10 -22.36 -14.53 0.30
CA LEU C 10 -23.38 -13.91 1.11
C LEU C 10 -24.13 -12.86 0.31
N LEU C 11 -25.46 -12.85 0.41
CA LEU C 11 -26.29 -11.80 -0.17
C LEU C 11 -27.20 -11.19 0.89
N VAL C 12 -27.11 -9.87 1.08
CA VAL C 12 -27.94 -9.15 2.03
C VAL C 12 -28.99 -8.39 1.25
N HIS C 13 -30.26 -8.74 1.41
CA HIS C 13 -31.38 -7.94 0.94
C HIS C 13 -31.86 -6.93 1.98
N GLY C 14 -32.07 -5.69 1.53
CA GLY C 14 -32.58 -4.62 2.36
C GLY C 14 -33.17 -3.47 1.55
N SER C 15 -34.05 -2.70 2.20
CA SER C 15 -34.49 -1.42 1.66
C SER C 15 -33.36 -0.40 1.83
N PRO C 16 -33.51 0.82 1.33
CA PRO C 16 -32.34 1.69 1.24
C PRO C 16 -31.71 2.16 2.54
N GLY C 17 -32.42 2.68 3.50
CA GLY C 17 -31.68 3.10 4.70
C GLY C 17 -31.46 2.08 5.82
N THR C 18 -31.37 0.79 5.48
CA THR C 18 -31.33 -0.27 6.48
C THR C 18 -29.92 -0.69 6.86
N GLY C 19 -28.90 -0.03 6.33
CA GLY C 19 -27.53 -0.36 6.66
C GLY C 19 -26.97 -1.68 6.13
N LYS C 20 -27.48 -2.21 5.02
CA LYS C 20 -26.87 -3.42 4.51
C LYS C 20 -25.48 -3.21 3.87
N SER C 21 -25.09 -1.99 3.48
CA SER C 21 -23.71 -1.80 3.03
C SER C 21 -22.72 -1.87 4.20
N VAL C 22 -23.01 -1.13 5.27
CA VAL C 22 -22.13 -1.22 6.44
C VAL C 22 -22.12 -2.67 6.95
N ALA C 23 -23.27 -3.36 6.93
CA ALA C 23 -23.27 -4.76 7.31
C ALA C 23 -22.23 -5.52 6.52
N THR C 24 -22.33 -5.47 5.18
CA THR C 24 -21.38 -6.21 4.34
C THR C 24 -19.96 -5.71 4.56
N ASN C 25 -19.78 -4.43 4.91
CA ASN C 25 -18.39 -3.95 5.04
C ASN C 25 -17.75 -4.40 6.32
N LEU C 26 -18.50 -4.39 7.43
CA LEU C 26 -17.97 -4.94 8.66
C LEU C 26 -17.63 -6.41 8.49
N ILE C 27 -18.51 -7.17 7.86
CA ILE C 27 -18.22 -8.59 7.71
C ILE C 27 -16.98 -8.80 6.90
N ALA C 28 -16.82 -8.06 5.82
CA ALA C 28 -15.64 -8.22 4.97
C ALA C 28 -14.40 -7.91 5.75
N ARG C 29 -14.35 -6.74 6.39
CA ARG C 29 -13.13 -6.36 7.07
C ARG C 29 -12.81 -7.41 8.14
N ALA C 30 -13.84 -7.97 8.75
CA ALA C 30 -13.53 -8.94 9.78
C ALA C 30 -12.99 -10.23 9.18
N ILE C 31 -13.65 -10.78 8.13
CA ILE C 31 -13.13 -11.97 7.47
C ILE C 31 -11.71 -11.70 6.98
N ALA C 32 -11.51 -10.53 6.33
CA ALA C 32 -10.18 -10.22 5.80
C ALA C 32 -9.13 -10.10 6.90
N GLU C 33 -9.49 -9.51 8.03
CA GLU C 33 -8.55 -9.55 9.15
C GLU C 33 -8.31 -10.96 9.62
N ALA C 34 -9.32 -11.81 9.62
CA ALA C 34 -9.04 -13.17 10.09
C ALA C 34 -8.19 -13.96 9.09
N GLU C 35 -8.32 -13.65 7.80
CA GLU C 35 -7.61 -14.37 6.73
C GLU C 35 -6.28 -13.72 6.38
N ASN C 36 -5.92 -12.68 7.07
CA ASN C 36 -4.69 -11.97 6.77
C ASN C 36 -4.63 -11.44 5.34
N THR C 37 -5.65 -10.63 5.01
CA THR C 37 -5.87 -10.16 3.66
C THR C 37 -6.39 -8.77 3.71
N SER C 38 -6.85 -8.30 2.54
CA SER C 38 -7.64 -7.11 2.33
C SER C 38 -8.95 -7.45 1.64
N THR C 39 -9.68 -6.39 1.37
CA THR C 39 -10.96 -6.41 0.72
C THR C 39 -10.85 -5.70 -0.60
N TYR C 40 -11.71 -6.08 -1.53
CA TYR C 40 -11.81 -5.43 -2.82
C TYR C 40 -13.26 -5.11 -3.08
N SER C 41 -13.54 -3.86 -3.34
CA SER C 41 -14.89 -3.45 -3.66
C SER C 41 -15.01 -3.24 -5.16
N LEU C 42 -15.99 -3.90 -5.75
CA LEU C 42 -16.52 -3.58 -7.05
C LEU C 42 -17.48 -2.42 -6.95
N PRO C 43 -17.39 -1.46 -7.87
CA PRO C 43 -18.42 -0.43 -7.96
C PRO C 43 -19.72 -1.05 -8.44
N PRO C 44 -20.86 -0.49 -8.05
CA PRO C 44 -22.11 -0.87 -8.74
C PRO C 44 -21.93 -0.79 -10.25
N ASP C 45 -22.73 -1.58 -10.96
CA ASP C 45 -22.51 -1.84 -12.38
C ASP C 45 -21.02 -2.18 -12.60
N PRO C 46 -20.54 -3.23 -11.96
CA PRO C 46 -19.12 -3.57 -12.07
C PRO C 46 -18.70 -3.88 -13.48
N SER C 47 -17.91 -3.01 -14.09
CA SER C 47 -17.39 -3.31 -15.42
C SER C 47 -15.99 -3.84 -15.36
N HIS C 48 -15.17 -3.30 -14.47
CA HIS C 48 -13.76 -3.63 -14.45
C HIS C 48 -13.30 -3.91 -13.05
N PHE C 49 -12.18 -4.62 -12.99
CA PHE C 49 -11.60 -5.02 -11.72
C PHE C 49 -10.29 -4.27 -11.47
N ASP C 50 -10.21 -3.05 -11.95
CA ASP C 50 -9.06 -2.20 -11.70
C ASP C 50 -8.79 -2.10 -10.20
N GLY C 51 -7.54 -2.41 -9.84
CA GLY C 51 -7.10 -2.37 -8.48
C GLY C 51 -7.21 -3.70 -7.75
N TYR C 52 -7.66 -4.73 -8.40
CA TYR C 52 -7.80 -6.01 -7.75
C TYR C 52 -6.48 -6.73 -7.86
N LYS C 53 -5.98 -7.17 -6.70
CA LYS C 53 -4.69 -7.84 -6.61
C LYS C 53 -4.85 -9.14 -5.88
N GLN C 54 -6.01 -9.75 -5.95
CA GLN C 54 -6.27 -11.05 -5.35
C GLN C 54 -6.52 -11.00 -3.84
N GLN C 55 -6.96 -9.85 -3.33
CA GLN C 55 -7.66 -9.78 -2.04
C GLN C 55 -8.67 -10.90 -1.90
N GLY C 56 -8.47 -11.74 -0.90
CA GLY C 56 -9.40 -12.79 -0.58
C GLY C 56 -10.88 -12.49 -0.41
N VAL C 57 -11.22 -11.23 -0.14
CA VAL C 57 -12.59 -10.84 0.13
C VAL C 57 -13.05 -9.81 -0.87
N VAL C 58 -14.19 -10.08 -1.51
CA VAL C 58 -14.76 -9.17 -2.49
C VAL C 58 -16.15 -8.73 -2.06
N ILE C 59 -16.44 -7.45 -2.26
CA ILE C 59 -17.73 -6.83 -1.97
C ILE C 59 -18.40 -6.35 -3.24
N MET C 60 -19.65 -6.72 -3.43
CA MET C 60 -20.47 -6.16 -4.49
C MET C 60 -21.60 -5.37 -3.87
N ASP C 61 -21.47 -4.06 -3.81
CA ASP C 61 -22.60 -3.28 -3.36
C ASP C 61 -23.61 -3.08 -4.50
N ASP C 62 -24.89 -2.97 -4.14
CA ASP C 62 -26.06 -3.01 -5.03
C ASP C 62 -25.93 -3.92 -6.23
N LEU C 63 -26.19 -5.19 -6.00
CA LEU C 63 -26.34 -6.19 -7.02
C LEU C 63 -27.79 -6.19 -7.54
N ASN C 64 -27.96 -6.10 -8.85
CA ASN C 64 -29.26 -6.31 -9.48
C ASN C 64 -29.34 -7.78 -9.85
N GLN C 65 -30.45 -8.43 -9.49
CA GLN C 65 -30.55 -9.89 -9.59
C GLN C 65 -31.50 -10.33 -10.70
N ASN C 66 -31.67 -9.51 -11.71
CA ASN C 66 -32.25 -9.92 -12.97
C ASN C 66 -31.31 -10.96 -13.58
N PRO C 67 -31.76 -12.21 -13.82
CA PRO C 67 -30.82 -13.22 -14.33
C PRO C 67 -30.33 -12.97 -15.75
N ASP C 68 -31.06 -12.16 -16.51
CA ASP C 68 -30.59 -11.65 -17.79
C ASP C 68 -29.59 -10.51 -17.62
N GLY C 69 -29.67 -9.76 -16.50
CA GLY C 69 -28.72 -8.71 -16.22
C GLY C 69 -27.27 -9.18 -16.33
N ALA C 70 -26.33 -8.23 -16.27
CA ALA C 70 -24.91 -8.57 -16.25
C ALA C 70 -24.39 -8.81 -14.83
N ASP C 71 -24.77 -7.96 -13.87
CA ASP C 71 -24.42 -8.13 -12.46
C ASP C 71 -24.40 -9.62 -12.16
N MET C 72 -25.41 -10.34 -12.64
CA MET C 72 -25.46 -11.77 -12.39
C MET C 72 -24.62 -12.60 -13.34
N LYS C 73 -24.28 -12.10 -14.51
CA LYS C 73 -23.42 -12.91 -15.38
C LYS C 73 -22.00 -12.88 -14.86
N LEU C 74 -21.51 -11.69 -14.50
CA LEU C 74 -20.27 -11.51 -13.77
C LEU C 74 -20.23 -12.39 -12.53
N PHE C 75 -21.10 -12.03 -11.59
CA PHE C 75 -21.31 -12.79 -10.39
C PHE C 75 -21.20 -14.28 -10.62
N CYS C 76 -21.74 -14.82 -11.70
CA CYS C 76 -21.64 -16.26 -11.91
C CYS C 76 -20.26 -16.70 -12.39
N GLN C 77 -19.43 -15.80 -12.91
CA GLN C 77 -18.06 -16.20 -13.17
C GLN C 77 -17.22 -16.11 -11.91
N MET C 78 -17.40 -15.03 -11.13
CA MET C 78 -16.69 -14.91 -9.87
C MET C 78 -16.99 -16.09 -8.97
N VAL C 79 -18.24 -16.55 -8.92
CA VAL C 79 -18.60 -17.54 -7.91
C VAL C 79 -18.75 -18.89 -8.57
N SER C 80 -17.63 -19.56 -8.69
CA SER C 80 -17.50 -20.73 -9.53
C SER C 80 -16.14 -21.36 -9.26
N THR C 81 -15.92 -22.53 -9.85
CA THR C 81 -14.70 -23.26 -9.64
C THR C 81 -13.72 -23.10 -10.80
N VAL C 82 -14.06 -22.27 -11.79
CA VAL C 82 -13.40 -22.33 -13.09
C VAL C 82 -12.62 -21.07 -13.34
N GLU C 83 -11.39 -21.20 -13.83
CA GLU C 83 -10.56 -20.03 -14.11
C GLU C 83 -11.38 -18.85 -14.61
N PHE C 84 -11.17 -17.70 -13.99
CA PHE C 84 -11.83 -16.47 -14.38
C PHE C 84 -10.76 -15.42 -14.27
N ILE C 85 -10.50 -14.74 -15.38
CA ILE C 85 -9.47 -13.72 -15.49
C ILE C 85 -10.19 -12.40 -15.71
N PRO C 86 -10.37 -11.62 -14.65
CA PRO C 86 -11.28 -10.49 -14.73
C PRO C 86 -10.83 -9.53 -15.81
N PRO C 87 -11.76 -8.79 -16.41
CA PRO C 87 -11.38 -7.69 -17.30
C PRO C 87 -10.82 -6.52 -16.53
N MET C 88 -9.71 -6.01 -17.01
CA MET C 88 -9.13 -4.78 -16.52
C MET C 88 -9.25 -3.77 -17.65
N ALA C 89 -9.73 -2.57 -17.33
CA ALA C 89 -9.56 -1.44 -18.25
C ALA C 89 -8.10 -1.31 -18.69
N SER C 90 -7.16 -1.42 -17.75
CA SER C 90 -5.74 -1.39 -18.08
C SER C 90 -5.29 -2.71 -18.73
N LEU C 91 -4.50 -2.60 -19.80
CA LEU C 91 -3.81 -3.78 -20.31
C LEU C 91 -2.45 -3.97 -19.68
N ALA C 92 -1.95 -2.93 -19.02
CA ALA C 92 -0.89 -3.02 -18.03
C ALA C 92 -1.36 -3.73 -16.74
N GLU C 93 -2.60 -4.23 -16.66
CA GLU C 93 -3.08 -5.02 -15.51
C GLU C 93 -3.72 -6.35 -15.96
N ALA C 94 -3.68 -6.68 -17.25
CA ALA C 94 -4.35 -7.85 -17.77
C ALA C 94 -3.60 -9.13 -17.38
N GLY C 95 -4.32 -10.10 -16.81
CA GLY C 95 -3.82 -11.46 -16.68
C GLY C 95 -3.97 -12.15 -15.34
N ILE C 96 -4.38 -11.42 -14.30
CA ILE C 96 -4.41 -11.99 -12.96
C ILE C 96 -5.67 -12.82 -12.78
N LEU C 97 -5.56 -13.93 -12.07
CA LEU C 97 -6.72 -14.76 -11.82
C LEU C 97 -7.56 -14.27 -10.64
N PHE C 98 -8.86 -14.45 -10.72
CA PHE C 98 -9.73 -14.25 -9.56
C PHE C 98 -9.58 -15.46 -8.65
N THR C 99 -8.96 -15.27 -7.48
CA THR C 99 -8.75 -16.33 -6.52
C THR C 99 -9.44 -16.11 -5.18
N SER C 100 -10.38 -15.19 -5.11
CA SER C 100 -10.92 -14.77 -3.84
C SER C 100 -11.86 -15.82 -3.20
N ASN C 101 -11.90 -15.85 -1.88
CA ASN C 101 -12.56 -16.94 -1.24
C ASN C 101 -13.90 -16.49 -0.71
N TYR C 102 -14.20 -15.23 -0.82
CA TYR C 102 -15.42 -14.69 -0.26
C TYR C 102 -15.89 -13.54 -1.11
N VAL C 103 -17.20 -13.50 -1.27
CA VAL C 103 -17.92 -12.49 -2.06
C VAL C 103 -19.12 -12.04 -1.28
N LEU C 104 -19.24 -10.76 -1.03
CA LEU C 104 -20.28 -10.26 -0.12
C LEU C 104 -21.02 -9.19 -0.90
N ALA C 105 -22.32 -9.38 -1.03
CA ALA C 105 -23.10 -8.51 -1.88
C ALA C 105 -24.36 -8.10 -1.16
N SER C 106 -24.86 -6.94 -1.52
CA SER C 106 -26.14 -6.47 -1.03
C SER C 106 -26.97 -6.01 -2.21
N THR C 107 -28.30 -6.11 -2.06
CA THR C 107 -29.27 -5.81 -3.10
C THR C 107 -30.53 -5.27 -2.44
N ASN C 108 -31.57 -5.02 -3.24
CA ASN C 108 -32.92 -4.75 -2.76
C ASN C 108 -33.84 -5.85 -3.26
N SER C 109 -34.47 -6.60 -2.30
CA SER C 109 -35.57 -7.59 -2.60
C SER C 109 -36.32 -8.09 -1.38
N SER C 120 -31.67 -19.82 -12.35
CA SER C 120 -32.88 -20.07 -11.57
C SER C 120 -32.46 -20.52 -10.18
N ASP C 121 -32.51 -21.83 -9.90
CA ASP C 121 -31.89 -22.36 -8.69
C ASP C 121 -30.37 -22.52 -8.87
N ALA C 122 -29.85 -22.31 -10.08
CA ALA C 122 -28.41 -22.35 -10.28
C ALA C 122 -27.73 -21.04 -9.85
N LEU C 123 -28.44 -19.91 -9.91
CA LEU C 123 -27.99 -18.70 -9.21
C LEU C 123 -28.21 -18.82 -7.69
N ALA C 124 -29.19 -19.61 -7.24
CA ALA C 124 -29.53 -19.66 -5.82
C ALA C 124 -28.62 -20.60 -5.05
N ARG C 125 -27.94 -21.51 -5.74
CA ARG C 125 -26.95 -22.31 -5.04
C ARG C 125 -25.72 -21.49 -4.75
N ARG C 126 -25.48 -20.47 -5.55
CA ARG C 126 -24.24 -19.77 -5.36
C ARG C 126 -24.23 -19.01 -4.03
N PHE C 127 -25.42 -18.64 -3.54
CA PHE C 127 -25.56 -17.92 -2.27
C PHE C 127 -25.53 -18.89 -1.11
N ALA C 128 -24.34 -19.13 -0.60
CA ALA C 128 -24.22 -19.93 0.60
C ALA C 128 -25.08 -19.36 1.73
N PHE C 129 -25.24 -18.02 1.79
CA PHE C 129 -26.01 -17.35 2.83
C PHE C 129 -26.87 -16.27 2.18
N ASP C 130 -28.19 -16.38 2.31
CA ASP C 130 -29.11 -15.43 1.70
C ASP C 130 -30.03 -14.84 2.76
N MET C 131 -29.98 -13.52 2.92
CA MET C 131 -30.30 -12.90 4.19
C MET C 131 -31.05 -11.60 4.00
N ASP C 132 -31.99 -11.37 4.90
CA ASP C 132 -32.67 -10.12 5.00
C ASP C 132 -32.13 -9.36 6.21
N ILE C 133 -31.89 -8.09 6.03
CA ILE C 133 -31.42 -7.25 7.11
C ILE C 133 -32.59 -6.63 7.84
N GLN C 134 -32.44 -6.43 9.15
CA GLN C 134 -33.55 -5.93 9.98
C GLN C 134 -33.00 -4.92 10.94
N VAL C 135 -33.54 -3.71 10.88
CA VAL C 135 -33.24 -2.73 11.90
C VAL C 135 -33.98 -3.14 13.16
N MET C 136 -33.29 -3.12 14.27
CA MET C 136 -34.03 -3.15 15.51
C MET C 136 -34.70 -1.79 15.65
N ASN C 137 -35.94 -1.79 16.20
CA ASN C 137 -36.72 -0.57 16.23
C ASN C 137 -36.09 0.51 17.12
N GLU C 138 -35.34 0.10 18.12
CA GLU C 138 -34.76 1.05 19.05
C GLU C 138 -33.69 1.90 18.36
N TYR C 139 -33.32 1.54 17.13
CA TYR C 139 -32.32 2.27 16.36
C TYR C 139 -32.86 2.70 15.02
N SER C 140 -34.18 2.77 14.85
CA SER C 140 -34.79 3.12 13.56
C SER C 140 -35.46 4.49 13.64
N ARG C 141 -34.97 5.42 12.82
CA ARG C 141 -35.64 6.68 12.51
C ARG C 141 -36.55 6.38 11.33
N ASP C 142 -37.85 6.21 11.63
CA ASP C 142 -38.86 5.81 10.66
C ASP C 142 -38.31 4.72 9.76
N GLY C 143 -38.12 3.52 10.34
CA GLY C 143 -37.59 2.38 9.60
C GLY C 143 -36.38 2.68 8.76
N LYS C 144 -35.51 3.55 9.26
CA LYS C 144 -34.18 3.76 8.70
C LYS C 144 -33.16 3.58 9.83
N LEU C 145 -32.01 3.02 9.53
CA LEU C 145 -31.02 2.77 10.58
C LEU C 145 -30.48 4.08 11.08
N ASN C 146 -30.68 4.35 12.36
CA ASN C 146 -30.13 5.55 12.97
C ASN C 146 -28.63 5.32 13.11
N MET C 147 -27.94 5.51 12.00
CA MET C 147 -26.50 5.24 11.95
C MET C 147 -25.72 5.90 13.06
N ALA C 148 -26.04 7.15 13.37
CA ALA C 148 -25.27 7.84 14.39
C ALA C 148 -25.22 6.99 15.66
N MET C 149 -26.37 6.57 16.17
CA MET C 149 -26.30 5.88 17.44
C MET C 149 -25.95 4.41 17.28
N ALA C 150 -26.18 3.84 16.09
CA ALA C 150 -25.74 2.47 15.84
C ALA C 150 -24.22 2.32 15.73
N THR C 151 -23.48 3.37 15.42
CA THR C 151 -22.02 3.28 15.30
C THR C 151 -21.34 3.66 16.59
N GLU C 152 -22.09 3.98 17.64
CA GLU C 152 -21.52 4.18 18.96
C GLU C 152 -20.92 2.90 19.51
N MET C 153 -19.76 3.01 20.14
CA MET C 153 -19.16 1.84 20.78
C MET C 153 -19.99 1.36 21.94
N CYS C 154 -20.17 0.04 22.01
CA CYS C 154 -20.79 -0.62 23.14
C CYS C 154 -19.89 -0.53 24.36
N LYS C 155 -20.51 -0.66 25.51
CA LYS C 155 -19.82 -0.43 26.75
C LYS C 155 -19.78 -1.65 27.62
N ASN C 156 -20.69 -2.58 27.42
CA ASN C 156 -20.78 -3.78 28.24
C ASN C 156 -21.13 -5.00 27.41
N CYS C 157 -20.51 -5.18 26.26
CA CYS C 157 -20.70 -6.43 25.54
C CYS C 157 -19.54 -7.35 25.86
N HIS C 158 -19.81 -8.64 25.77
CA HIS C 158 -18.69 -9.57 25.79
C HIS C 158 -17.84 -9.36 24.56
N GLN C 159 -16.61 -9.82 24.65
CA GLN C 159 -15.70 -9.68 23.53
C GLN C 159 -16.24 -10.41 22.30
N PRO C 160 -16.34 -9.75 21.16
CA PRO C 160 -16.83 -10.41 19.95
C PRO C 160 -15.93 -11.54 19.43
N ALA C 161 -16.56 -12.54 18.81
CA ALA C 161 -15.80 -13.61 18.14
C ALA C 161 -14.80 -13.06 17.12
N ASN C 162 -15.17 -12.04 16.34
CA ASN C 162 -14.37 -11.62 15.20
C ASN C 162 -14.10 -10.14 15.13
N PHE C 163 -14.35 -9.38 16.20
CA PHE C 163 -14.04 -7.95 16.25
C PHE C 163 -13.33 -7.69 17.55
N LYS C 164 -12.42 -6.72 17.52
CA LYS C 164 -11.62 -6.44 18.71
C LYS C 164 -12.48 -5.84 19.82
N ARG C 165 -13.36 -4.90 19.47
CA ARG C 165 -14.34 -4.20 20.28
C ARG C 165 -15.74 -4.44 19.75
N CYS C 166 -16.73 -4.09 20.55
CA CYS C 166 -18.11 -4.32 20.20
C CYS C 166 -18.87 -3.02 20.00
N CYS C 167 -19.86 -3.05 19.11
CA CYS C 167 -20.76 -1.94 18.92
C CYS C 167 -22.09 -2.51 18.44
N PRO C 168 -23.15 -1.73 18.47
CA PRO C 168 -24.47 -2.35 18.24
C PRO C 168 -24.65 -2.85 16.79
N LEU C 169 -23.81 -2.44 15.87
CA LEU C 169 -23.88 -3.02 14.56
C LEU C 169 -23.37 -4.44 14.54
N VAL C 170 -22.59 -4.84 15.55
CA VAL C 170 -21.88 -6.11 15.55
C VAL C 170 -22.62 -7.18 16.33
N CYS C 171 -23.14 -6.84 17.51
CA CYS C 171 -23.73 -7.81 18.45
C CYS C 171 -25.20 -7.98 18.27
N GLY C 172 -25.82 -7.26 17.36
CA GLY C 172 -27.24 -7.45 17.13
C GLY C 172 -28.17 -6.44 17.80
N LYS C 173 -27.68 -5.48 18.60
CA LYS C 173 -28.55 -4.40 19.04
C LYS C 173 -29.15 -3.65 17.87
N ALA C 174 -28.32 -3.12 17.01
CA ALA C 174 -28.89 -2.24 15.97
C ALA C 174 -29.46 -2.98 14.79
N ILE C 175 -28.84 -4.09 14.37
CA ILE C 175 -29.22 -4.75 13.13
C ILE C 175 -28.95 -6.23 13.24
N GLN C 176 -29.75 -6.97 12.53
CA GLN C 176 -29.54 -8.38 12.44
C GLN C 176 -29.82 -8.84 11.02
N LEU C 177 -29.48 -10.09 10.75
CA LEU C 177 -29.62 -10.68 9.44
C LEU C 177 -30.45 -11.93 9.54
N MET C 178 -31.56 -11.97 8.81
CA MET C 178 -32.49 -13.08 8.87
C MET C 178 -32.32 -14.00 7.67
N ASP C 179 -32.14 -15.29 7.93
CA ASP C 179 -31.99 -16.26 6.84
C ASP C 179 -33.30 -16.43 6.08
N LYS C 180 -33.28 -16.19 4.77
CA LYS C 180 -34.52 -16.21 4.04
C LYS C 180 -35.16 -17.59 4.08
N SER C 181 -34.39 -18.63 4.28
CA SER C 181 -34.94 -19.99 4.43
C SER C 181 -35.36 -20.33 5.86
N SER C 182 -34.40 -20.60 6.76
CA SER C 182 -34.65 -20.99 8.15
C SER C 182 -35.35 -19.91 8.98
N ARG C 183 -35.34 -18.65 8.55
CA ARG C 183 -36.05 -17.57 9.23
C ARG C 183 -35.46 -17.19 10.59
N VAL C 184 -34.28 -17.75 10.94
CA VAL C 184 -33.49 -17.42 12.12
C VAL C 184 -32.71 -16.13 11.91
N ARG C 185 -32.57 -15.35 12.98
CA ARG C 185 -31.83 -14.09 12.96
C ARG C 185 -30.43 -14.26 13.57
N TYR C 186 -29.47 -13.42 13.10
CA TYR C 186 -28.06 -13.54 13.45
C TYR C 186 -27.51 -12.14 13.60
N SER C 187 -26.59 -11.94 14.54
CA SER C 187 -25.87 -10.68 14.51
C SER C 187 -24.79 -10.73 13.46
N ILE C 188 -24.22 -9.57 13.17
CA ILE C 188 -23.05 -9.56 12.29
C ILE C 188 -21.96 -10.49 12.78
N ASP C 189 -21.70 -10.46 14.07
CA ASP C 189 -20.66 -11.32 14.65
C ASP C 189 -20.96 -12.77 14.41
N GLN C 190 -22.20 -13.23 14.60
CA GLN C 190 -22.50 -14.64 14.38
C GLN C 190 -22.43 -15.00 12.90
N ILE C 191 -23.01 -14.19 12.04
CA ILE C 191 -22.97 -14.57 10.65
C ILE C 191 -21.54 -14.62 10.23
N THR C 192 -20.71 -13.84 10.94
CA THR C 192 -19.36 -13.72 10.40
C THR C 192 -18.52 -14.93 10.80
N THR C 193 -18.94 -15.68 11.82
CA THR C 193 -18.20 -16.91 12.02
C THR C 193 -18.78 -18.10 11.25
N MET C 194 -20.07 -18.12 10.95
CA MET C 194 -20.63 -19.10 10.06
C MET C 194 -20.00 -18.97 8.64
N ILE C 195 -19.86 -17.75 8.14
CA ILE C 195 -19.24 -17.56 6.84
C ILE C 195 -17.80 -18.07 6.84
N ILE C 196 -17.05 -17.85 7.91
CA ILE C 196 -15.66 -18.31 7.94
C ILE C 196 -15.63 -19.82 8.10
N ASN C 197 -16.52 -20.37 8.95
CA ASN C 197 -16.54 -21.83 9.11
C ASN C 197 -16.82 -22.50 7.76
N GLU C 198 -17.78 -21.97 6.99
CA GLU C 198 -18.15 -22.56 5.72
C GLU C 198 -16.93 -22.57 4.77
N ARG C 199 -16.23 -21.42 4.61
CA ARG C 199 -15.05 -21.44 3.75
C ARG C 199 -14.04 -22.45 4.27
N ASN C 200 -13.90 -22.50 5.58
CA ASN C 200 -12.92 -23.45 6.10
C ASN C 200 -13.32 -24.90 5.86
N ARG C 201 -14.60 -25.18 5.82
CA ARG C 201 -14.98 -26.56 5.60
C ARG C 201 -14.74 -26.92 4.15
N ARG C 202 -15.03 -26.00 3.25
CA ARG C 202 -14.70 -26.19 1.86
C ARG C 202 -13.22 -26.46 1.71
N SER C 203 -12.39 -25.73 2.47
CA SER C 203 -10.94 -25.82 2.26
C SER C 203 -10.35 -27.06 2.89
N ASN C 204 -10.90 -27.48 4.03
CA ASN C 204 -10.41 -28.69 4.65
C ASN C 204 -10.65 -29.87 3.72
N ILE C 205 -11.81 -29.84 3.07
CA ILE C 205 -12.17 -30.89 2.15
C ILE C 205 -11.32 -30.81 0.89
N GLY C 206 -11.17 -29.61 0.33
CA GLY C 206 -10.41 -29.49 -0.89
C GLY C 206 -8.95 -29.80 -0.68
N ASN C 207 -8.42 -29.44 0.47
CA ASN C 207 -7.02 -29.66 0.70
C ASN C 207 -6.77 -31.14 0.92
N CYS C 208 -7.78 -31.84 1.45
CA CYS C 208 -7.57 -33.27 1.72
C CYS C 208 -7.73 -34.06 0.43
N MET C 209 -8.74 -33.74 -0.36
CA MET C 209 -8.83 -34.31 -1.68
C MET C 209 -7.50 -34.20 -2.41
N GLU C 210 -6.78 -33.07 -2.29
CA GLU C 210 -5.50 -32.92 -2.99
C GLU C 210 -4.47 -33.87 -2.42
N ALA C 211 -4.33 -33.91 -1.12
CA ALA C 211 -3.32 -34.77 -0.57
C ALA C 211 -3.55 -36.20 -0.99
N LEU C 212 -4.80 -36.61 -1.13
CA LEU C 212 -5.10 -38.03 -1.37
C LEU C 212 -4.75 -38.45 -2.80
N PHE C 213 -4.44 -37.50 -3.66
CA PHE C 213 -4.27 -37.75 -5.06
C PHE C 213 -3.02 -37.05 -5.64
N HIS D 3 9.02 38.12 -5.64
CA HIS D 3 8.26 38.76 -4.57
C HIS D 3 8.11 37.88 -3.37
N ARG D 4 8.54 36.61 -3.49
CA ARG D 4 8.31 35.65 -2.43
C ARG D 4 9.22 35.94 -1.23
N ILE D 5 8.79 35.51 -0.06
CA ILE D 5 9.49 35.81 1.18
C ILE D 5 10.54 34.74 1.42
N GLU D 6 11.47 35.02 2.35
CA GLU D 6 12.59 34.10 2.51
C GLU D 6 12.25 33.05 3.54
N PRO D 7 12.40 31.76 3.22
CA PRO D 7 11.94 30.71 4.15
C PRO D 7 12.75 30.71 5.44
N VAL D 8 12.05 30.66 6.57
CA VAL D 8 12.72 30.49 7.86
C VAL D 8 13.45 29.17 7.85
N CYS D 9 14.60 29.15 8.53
CA CYS D 9 15.57 28.12 8.28
C CYS D 9 16.16 27.64 9.60
N LEU D 10 16.23 26.33 9.74
CA LEU D 10 16.82 25.69 10.91
C LEU D 10 17.71 24.54 10.45
N LEU D 11 18.85 24.37 11.12
CA LEU D 11 19.61 23.14 10.99
C LEU D 11 20.17 22.73 12.34
N VAL D 12 20.50 21.46 12.39
CA VAL D 12 20.64 20.72 13.61
C VAL D 12 21.87 19.86 13.40
N HIS D 13 22.97 20.22 14.05
CA HIS D 13 24.19 19.43 14.01
C HIS D 13 24.09 18.28 15.00
N GLY D 14 24.50 17.09 14.59
CA GLY D 14 24.42 15.95 15.48
C GLY D 14 25.34 14.81 15.11
N SER D 15 25.79 14.10 16.15
CA SER D 15 26.41 12.80 15.98
C SER D 15 25.35 11.74 15.62
N PRO D 16 25.71 10.74 14.81
CA PRO D 16 24.66 9.91 14.18
C PRO D 16 23.61 9.28 15.11
N GLY D 17 23.90 8.92 16.35
CA GLY D 17 22.87 8.20 17.11
C GLY D 17 21.96 9.04 18.00
N THR D 18 22.03 10.38 17.87
CA THR D 18 21.43 11.34 18.78
C THR D 18 19.98 11.70 18.46
N GLY D 19 19.39 11.15 17.41
CA GLY D 19 17.99 11.38 17.06
C GLY D 19 17.69 12.74 16.45
N LYS D 20 18.40 13.14 15.42
CA LYS D 20 18.13 14.43 14.81
C LYS D 20 17.14 14.32 13.67
N SER D 21 16.96 13.12 13.12
CA SER D 21 15.91 12.90 12.14
C SER D 21 14.54 12.98 12.80
N VAL D 22 14.37 12.31 13.93
CA VAL D 22 13.10 12.43 14.60
C VAL D 22 12.89 13.86 15.09
N ALA D 23 13.96 14.59 15.44
CA ALA D 23 13.76 15.99 15.84
C ALA D 23 13.15 16.81 14.70
N THR D 24 13.88 16.99 13.60
CA THR D 24 13.36 17.77 12.49
C THR D 24 11.94 17.32 12.08
N ASN D 25 11.73 16.02 11.98
CA ASN D 25 10.43 15.52 11.56
C ASN D 25 9.34 15.92 12.55
N LEU D 26 9.63 15.85 13.85
CA LEU D 26 8.65 16.33 14.82
C LEU D 26 8.38 17.79 14.63
N ILE D 27 9.41 18.56 14.35
CA ILE D 27 9.24 19.98 14.20
C ILE D 27 8.48 20.27 12.92
N ALA D 28 8.93 19.68 11.81
CA ALA D 28 8.21 19.83 10.54
C ALA D 28 6.73 19.52 10.72
N ARG D 29 6.38 18.29 11.17
CA ARG D 29 4.97 17.89 11.27
C ARG D 29 4.14 18.86 12.13
N ALA D 30 4.76 19.49 13.10
CA ALA D 30 4.05 20.39 13.99
C ALA D 30 3.74 21.71 13.30
N ILE D 31 4.75 22.37 12.72
CA ILE D 31 4.48 23.63 12.03
C ILE D 31 3.55 23.36 10.86
N ALA D 32 3.72 22.21 10.22
CA ALA D 32 2.76 21.82 9.20
C ALA D 32 1.36 21.77 9.78
N GLU D 33 1.14 20.95 10.80
CA GLU D 33 -0.20 20.90 11.37
C GLU D 33 -0.75 22.31 11.57
N ALA D 34 0.11 23.25 11.96
CA ALA D 34 -0.37 24.60 12.22
C ALA D 34 -0.58 25.42 10.95
N GLU D 35 0.19 25.20 9.91
CA GLU D 35 0.05 25.95 8.66
C GLU D 35 -0.82 25.21 7.65
N ASN D 36 -1.64 24.27 8.13
CA ASN D 36 -2.56 23.47 7.32
C ASN D 36 -1.97 23.06 6.00
N THR D 37 -0.77 22.51 6.08
CA THR D 37 0.01 22.11 4.92
C THR D 37 0.54 20.70 5.18
N SER D 38 1.58 20.30 4.44
CA SER D 38 2.16 18.97 4.61
C SER D 38 3.67 19.10 4.49
N THR D 39 4.38 17.97 4.54
CA THR D 39 5.84 17.94 4.62
C THR D 39 6.42 17.21 3.43
N TYR D 40 7.42 17.82 2.79
CA TYR D 40 8.15 17.21 1.69
C TYR D 40 9.56 16.89 2.16
N SER D 41 9.96 15.64 1.97
CA SER D 41 11.29 15.18 2.32
C SER D 41 12.17 15.16 1.08
N LEU D 42 13.30 15.82 1.16
CA LEU D 42 14.32 15.57 0.16
C LEU D 42 15.15 14.37 0.59
N PRO D 43 15.43 13.44 -0.33
CA PRO D 43 16.37 12.32 -0.03
C PRO D 43 17.79 12.86 0.09
N PRO D 44 18.71 12.17 0.75
CA PRO D 44 20.09 12.70 0.76
C PRO D 44 20.69 12.71 -0.63
N ASP D 45 21.56 13.68 -0.86
CA ASP D 45 22.23 13.75 -2.15
C ASP D 45 21.18 13.80 -3.26
N PRO D 46 20.25 14.77 -3.23
CA PRO D 46 19.15 14.74 -4.18
C PRO D 46 19.19 15.88 -5.18
N SER D 47 18.92 15.58 -6.44
CA SER D 47 18.96 16.60 -7.45
C SER D 47 17.59 17.03 -7.96
N HIS D 48 16.59 16.15 -7.86
CA HIS D 48 15.26 16.41 -8.39
C HIS D 48 14.24 16.42 -7.27
N PHE D 49 13.08 17.01 -7.59
CA PHE D 49 12.07 17.28 -6.58
C PHE D 49 10.79 16.49 -6.92
N ASP D 50 10.96 15.22 -7.25
CA ASP D 50 9.83 14.32 -7.44
C ASP D 50 8.99 14.22 -6.16
N GLY D 51 7.86 14.89 -6.16
CA GLY D 51 6.96 14.94 -5.02
C GLY D 51 6.67 16.33 -4.53
N TYR D 52 7.51 17.30 -4.86
CA TYR D 52 7.26 18.67 -4.43
C TYR D 52 5.97 19.16 -5.04
N LYS D 53 5.13 19.80 -4.23
CA LYS D 53 3.94 20.43 -4.74
C LYS D 53 3.63 21.67 -3.94
N GLN D 54 4.67 22.42 -3.59
CA GLN D 54 4.55 23.65 -2.80
C GLN D 54 4.07 23.40 -1.35
N GLN D 55 4.44 22.24 -0.76
CA GLN D 55 4.24 22.03 0.66
C GLN D 55 4.85 23.16 1.47
N GLY D 56 4.19 23.54 2.56
CA GLY D 56 4.70 24.66 3.35
C GLY D 56 6.04 24.39 4.00
N VAL D 57 6.43 23.11 4.22
CA VAL D 57 7.67 22.79 4.90
C VAL D 57 8.36 21.63 4.20
N VAL D 58 9.67 21.78 3.97
CA VAL D 58 10.51 20.69 3.47
C VAL D 58 11.60 20.41 4.49
N ILE D 59 11.97 19.14 4.56
CA ILE D 59 13.05 18.69 5.42
C ILE D 59 14.12 18.09 4.52
N MET D 60 15.34 18.44 4.82
CA MET D 60 16.48 18.00 4.06
C MET D 60 17.29 17.06 4.95
N ASP D 61 17.15 15.76 4.72
CA ASP D 61 17.88 14.77 5.52
C ASP D 61 19.38 14.83 5.19
N ASP D 62 20.19 15.20 6.18
CA ASP D 62 21.65 14.99 6.13
C ASP D 62 22.37 15.87 5.11
N LEU D 63 22.21 17.17 5.25
CA LEU D 63 22.82 18.17 4.37
C LEU D 63 24.34 18.02 4.27
N ASN D 64 24.90 18.38 3.12
CA ASN D 64 26.37 18.42 2.90
C ASN D 64 27.03 17.05 3.06
N GLY D 69 30.09 20.94 -3.75
CA GLY D 69 28.93 20.55 -2.99
C GLY D 69 27.62 21.10 -3.51
N ALA D 70 27.00 20.40 -4.46
CA ALA D 70 25.69 20.81 -4.95
C ALA D 70 24.68 20.99 -3.81
N ASP D 71 24.85 20.26 -2.71
CA ASP D 71 23.97 20.40 -1.55
C ASP D 71 23.96 21.84 -1.06
N MET D 72 25.14 22.37 -0.69
CA MET D 72 25.23 23.75 -0.24
C MET D 72 24.88 24.75 -1.34
N LYS D 73 24.68 24.29 -2.58
CA LYS D 73 24.19 25.13 -3.66
C LYS D 73 22.66 25.02 -3.79
N LEU D 74 22.16 23.82 -4.11
CA LEU D 74 20.71 23.65 -4.26
C LEU D 74 19.97 24.08 -3.01
N PHE D 75 20.65 24.11 -1.87
CA PHE D 75 20.07 24.72 -0.69
C PHE D 75 19.96 26.24 -0.84
N CYS D 76 21.01 26.90 -1.32
CA CYS D 76 20.98 28.35 -1.24
C CYS D 76 20.04 28.95 -2.26
N GLN D 77 19.61 28.17 -3.26
CA GLN D 77 18.50 28.58 -4.11
C GLN D 77 17.18 28.48 -3.39
N MET D 78 17.07 27.52 -2.45
CA MET D 78 15.83 27.31 -1.70
C MET D 78 15.62 28.41 -0.68
N VAL D 79 16.69 28.84 0.00
CA VAL D 79 16.55 29.87 1.02
C VAL D 79 16.94 31.21 0.42
N SER D 80 16.17 31.65 -0.58
CA SER D 80 16.45 32.87 -1.30
C SER D 80 15.13 33.52 -1.66
N THR D 81 15.21 34.82 -1.97
CA THR D 81 14.06 35.61 -2.41
C THR D 81 13.82 35.48 -3.90
N VAL D 82 14.83 34.99 -4.62
CA VAL D 82 14.67 34.77 -6.05
C VAL D 82 13.61 33.71 -6.30
N GLU D 83 12.75 33.95 -7.27
CA GLU D 83 11.86 32.90 -7.76
C GLU D 83 12.72 31.74 -8.28
N PHE D 84 12.44 30.50 -7.82
CA PHE D 84 13.30 29.35 -8.08
C PHE D 84 12.44 28.17 -8.51
N ILE D 85 12.91 27.42 -9.50
CA ILE D 85 12.12 26.37 -10.13
C ILE D 85 12.88 25.05 -9.96
N PRO D 86 12.40 24.13 -9.12
CA PRO D 86 13.10 22.88 -8.93
C PRO D 86 13.07 22.01 -10.18
N PRO D 87 14.11 21.23 -10.41
CA PRO D 87 14.13 20.28 -11.53
C PRO D 87 13.40 18.99 -11.18
N MET D 88 12.88 18.34 -12.21
CA MET D 88 12.01 17.18 -12.06
C MET D 88 12.66 15.92 -12.62
N ALA D 89 11.97 14.81 -12.43
CA ALA D 89 12.37 13.54 -13.03
C ALA D 89 11.48 13.28 -14.23
N SER D 90 10.22 12.87 -13.98
CA SER D 90 9.21 12.94 -15.02
C SER D 90 8.99 14.40 -15.39
N LEU D 91 9.07 14.70 -16.69
CA LEU D 91 8.86 16.08 -17.12
C LEU D 91 7.48 16.59 -16.70
N ALA D 92 6.57 15.69 -16.36
CA ALA D 92 5.26 16.03 -15.85
C ALA D 92 5.32 17.15 -14.80
N ALA D 94 7.84 19.30 -14.28
CA ALA D 94 8.46 20.62 -14.36
C ALA D 94 7.40 21.71 -14.28
N GLY D 95 7.82 22.91 -13.87
CA GLY D 95 7.02 24.11 -14.00
C GLY D 95 6.57 24.75 -12.69
N ILE D 96 6.53 23.99 -11.59
CA ILE D 96 6.01 24.54 -10.34
C ILE D 96 7.09 25.35 -9.65
N LEU D 97 6.73 26.56 -9.22
CA LEU D 97 7.57 27.37 -8.35
C LEU D 97 7.87 26.66 -7.02
N PHE D 98 8.97 27.05 -6.39
CA PHE D 98 9.26 26.66 -5.02
C PHE D 98 8.76 27.76 -4.09
N THR D 99 7.78 27.45 -3.23
CA THR D 99 7.15 28.45 -2.37
C THR D 99 7.28 28.16 -0.89
N SER D 100 7.98 27.10 -0.52
CA SER D 100 8.03 26.68 0.87
C SER D 100 8.47 27.81 1.80
N ASN D 101 7.78 27.94 2.91
CA ASN D 101 8.05 29.00 3.86
C ASN D 101 8.94 28.54 5.00
N TYR D 102 9.47 27.34 4.93
CA TYR D 102 10.25 26.75 6.02
C TYR D 102 11.12 25.67 5.43
N VAL D 103 12.38 25.64 5.87
CA VAL D 103 13.29 24.56 5.48
C VAL D 103 13.99 24.10 6.74
N LEU D 104 14.00 22.78 6.97
CA LEU D 104 14.59 22.15 8.13
C LEU D 104 15.51 21.03 7.68
N ALA D 105 16.60 20.81 8.41
CA ALA D 105 17.69 19.98 7.90
C ALA D 105 18.70 19.71 9.00
N SER D 106 19.59 18.74 8.73
CA SER D 106 20.46 18.13 9.75
C SER D 106 21.85 17.83 9.15
N THR D 107 22.86 17.62 10.03
CA THR D 107 24.26 17.44 9.61
C THR D 107 25.23 17.05 10.75
N ASN D 108 26.52 17.44 10.70
CA ASN D 108 27.59 16.89 11.62
C ASN D 108 28.42 17.87 12.50
N ALA D 124 25.82 31.44 6.19
CA ALA D 124 25.74 31.35 7.66
C ALA D 124 24.62 32.21 8.23
N ARG D 125 24.31 33.33 7.58
CA ARG D 125 23.15 34.12 7.98
C ARG D 125 21.84 33.55 7.43
N ARG D 126 21.89 32.58 6.51
CA ARG D 126 20.65 31.95 6.05
C ARG D 126 20.02 31.07 7.10
N PHE D 127 20.70 30.84 8.22
CA PHE D 127 20.24 29.97 9.29
C PHE D 127 19.80 30.81 10.48
N ALA D 128 18.51 31.17 10.49
CA ALA D 128 17.97 31.91 11.62
C ALA D 128 18.08 31.12 12.91
N PHE D 129 18.28 29.80 12.83
CA PHE D 129 18.32 28.94 14.01
C PHE D 129 19.42 27.92 13.76
N ASP D 130 20.62 28.23 14.27
CA ASP D 130 21.76 27.33 14.13
C ASP D 130 21.91 26.69 15.48
N MET D 131 21.67 25.38 15.53
CA MET D 131 21.55 24.71 16.81
C MET D 131 22.18 23.34 16.79
N ASP D 132 22.83 23.05 17.91
CA ASP D 132 23.34 21.73 18.21
C ASP D 132 22.34 21.04 19.14
N ILE D 133 22.49 19.72 19.23
CA ILE D 133 21.55 18.89 19.96
C ILE D 133 22.22 18.40 21.24
N GLN D 134 21.44 17.74 22.08
CA GLN D 134 21.98 17.23 23.33
C GLN D 134 21.04 16.13 23.77
N VAL D 135 21.51 14.89 23.73
CA VAL D 135 20.76 13.87 24.44
C VAL D 135 20.97 14.12 25.93
N MET D 136 19.88 14.37 26.64
CA MET D 136 19.90 14.41 28.09
C MET D 136 20.24 13.06 28.69
N ASN D 137 20.87 13.09 29.86
CA ASN D 137 21.63 11.91 30.29
C ASN D 137 20.72 10.76 30.65
N GLU D 138 19.61 11.03 31.35
CA GLU D 138 18.68 9.95 31.70
C GLU D 138 18.10 9.28 30.46
N TYR D 139 18.31 9.82 29.27
CA TYR D 139 17.91 9.14 28.05
C TYR D 139 19.09 8.73 27.19
N SER D 140 20.33 9.08 27.60
CA SER D 140 21.52 8.54 26.95
C SER D 140 21.65 7.05 27.23
N ARG D 141 22.17 6.34 26.24
CA ARG D 141 22.34 4.88 26.33
C ARG D 141 23.65 4.63 25.58
N ASP D 142 24.77 4.66 26.31
CA ASP D 142 26.07 4.54 25.69
C ASP D 142 26.44 5.81 24.92
N GLY D 143 25.80 6.95 25.27
CA GLY D 143 25.90 8.17 24.49
C GLY D 143 24.83 8.36 23.43
N LYS D 144 24.10 7.29 23.10
CA LYS D 144 23.06 7.29 22.08
C LYS D 144 21.67 7.53 22.67
N LEU D 145 20.78 8.12 21.86
CA LEU D 145 19.42 8.40 22.30
C LEU D 145 18.67 7.09 22.49
N ASN D 146 18.06 6.90 23.65
CA ASN D 146 17.26 5.71 23.84
C ASN D 146 15.86 6.00 23.30
N MET D 147 15.60 5.58 22.05
CA MET D 147 14.37 5.93 21.38
C MET D 147 13.16 5.24 21.97
N ALA D 148 13.33 4.01 22.46
CA ALA D 148 12.20 3.32 23.06
C ALA D 148 11.67 4.10 24.24
N MET D 149 12.57 4.67 25.03
CA MET D 149 12.21 5.45 26.20
C MET D 149 11.78 6.86 25.84
N ALA D 150 12.43 7.42 24.83
CA ALA D 150 12.14 8.80 24.44
C ALA D 150 10.84 8.94 23.71
N THR D 151 10.18 7.85 23.34
CA THR D 151 8.93 7.95 22.60
C THR D 151 7.78 7.45 23.43
N GLU D 152 8.03 7.03 24.66
CA GLU D 152 6.96 6.82 25.61
C GLU D 152 6.31 8.16 25.90
N MET D 153 4.98 8.16 26.00
CA MET D 153 4.23 9.37 26.30
C MET D 153 4.51 9.90 27.69
N CYS D 154 4.51 11.22 27.80
CA CYS D 154 4.73 11.89 29.07
C CYS D 154 3.48 11.80 29.96
N LYS D 155 3.68 11.41 31.21
CA LYS D 155 2.57 11.13 32.11
C LYS D 155 2.33 12.23 33.16
N ASN D 156 3.25 13.20 33.27
CA ASN D 156 3.06 14.33 34.15
C ASN D 156 3.54 15.66 33.51
N CYS D 157 2.92 16.08 32.41
CA CYS D 157 3.38 17.27 31.69
C CYS D 157 2.21 18.19 31.36
N HIS D 158 2.48 19.49 31.34
CA HIS D 158 1.56 20.45 30.75
C HIS D 158 1.37 20.12 29.28
N GLN D 159 0.27 20.57 28.72
CA GLN D 159 0.10 20.33 27.31
C GLN D 159 1.11 21.18 26.53
N PRO D 160 1.73 20.63 25.49
CA PRO D 160 2.63 21.45 24.67
C PRO D 160 1.86 22.48 23.88
N ALA D 161 2.62 23.49 23.44
CA ALA D 161 2.08 24.60 22.69
C ALA D 161 1.71 24.20 21.27
N ASN D 162 2.52 23.35 20.62
CA ASN D 162 2.25 22.96 19.23
C ASN D 162 2.04 21.46 19.02
N PHE D 163 1.91 20.66 20.08
CA PHE D 163 1.65 19.23 19.98
C PHE D 163 0.41 18.87 20.78
N LYS D 164 -0.37 17.91 20.27
CA LYS D 164 -1.60 17.48 20.94
C LYS D 164 -1.31 17.05 22.36
N ARG D 165 -0.18 16.44 22.57
CA ARG D 165 0.11 15.53 23.66
C ARG D 165 1.61 15.70 23.90
N CYS D 166 2.13 15.24 25.04
CA CYS D 166 3.54 15.43 25.28
C CYS D 166 4.29 14.10 25.36
N CYS D 167 5.56 14.15 24.98
CA CYS D 167 6.46 13.02 25.11
C CYS D 167 7.84 13.59 25.32
N PRO D 168 8.80 12.77 25.69
CA PRO D 168 10.10 13.32 26.08
C PRO D 168 10.85 13.95 24.93
N LEU D 169 10.50 13.65 23.70
CA LEU D 169 11.15 14.37 22.63
C LEU D 169 10.66 15.81 22.48
N VAL D 170 9.51 16.14 23.05
CA VAL D 170 8.89 17.44 22.82
C VAL D 170 9.21 18.44 23.93
N CYS D 171 9.33 17.96 25.17
CA CYS D 171 9.33 18.83 26.33
C CYS D 171 10.72 19.09 26.84
N GLY D 172 11.75 18.47 26.27
CA GLY D 172 13.11 18.72 26.69
C GLY D 172 13.71 17.65 27.59
N LYS D 173 12.94 16.64 28.00
CA LYS D 173 13.48 15.52 28.77
C LYS D 173 14.57 14.76 28.04
N ALA D 174 14.29 14.31 26.83
CA ALA D 174 15.21 13.41 26.16
C ALA D 174 16.21 14.12 25.30
N ILE D 175 15.84 15.24 24.72
CA ILE D 175 16.73 15.96 23.84
C ILE D 175 16.34 17.42 23.88
N GLN D 176 17.32 18.28 23.61
CA GLN D 176 17.16 19.72 23.60
C GLN D 176 18.04 20.26 22.50
N LEU D 177 17.72 21.48 22.08
CA LEU D 177 18.48 22.13 21.04
C LEU D 177 19.24 23.30 21.65
N MET D 178 20.56 23.28 21.48
CA MET D 178 21.45 24.34 21.91
C MET D 178 21.74 25.25 20.73
N ASP D 179 21.44 26.52 20.86
CA ASP D 179 21.89 27.48 19.88
C ASP D 179 23.37 27.76 20.13
N LYS D 180 24.17 27.74 19.07
CA LYS D 180 25.61 27.97 19.22
C LYS D 180 25.86 29.39 19.71
N SER D 181 25.41 30.38 18.92
CA SER D 181 25.47 31.78 19.31
C SER D 181 24.70 32.01 20.61
N SER D 182 23.38 31.83 20.61
CA SER D 182 22.63 32.10 21.83
C SER D 182 23.27 31.40 23.02
N ARG D 183 23.83 30.20 22.79
CA ARG D 183 24.34 29.33 23.86
C ARG D 183 23.19 28.68 24.65
N VAL D 184 21.98 29.20 24.45
CA VAL D 184 20.80 28.79 25.20
C VAL D 184 20.31 27.45 24.70
N ARG D 185 19.60 26.75 25.58
CA ARG D 185 19.01 25.46 25.29
C ARG D 185 17.49 25.58 25.34
N TYR D 186 16.85 25.07 24.29
CA TYR D 186 15.40 25.04 24.21
C TYR D 186 14.94 23.62 23.93
N SER D 187 13.71 23.33 24.36
CA SER D 187 13.02 22.12 23.96
C SER D 187 12.54 22.22 22.52
N ILE D 188 12.15 21.07 21.97
CA ILE D 188 11.49 21.03 20.66
C ILE D 188 10.26 21.92 20.64
N ASP D 189 9.35 21.73 21.59
CA ASP D 189 8.15 22.56 21.64
C ASP D 189 8.53 24.03 21.56
N GLN D 190 9.50 24.46 22.40
CA GLN D 190 9.97 25.84 22.34
C GLN D 190 10.52 26.17 20.96
N ILE D 191 11.30 25.28 20.39
CA ILE D 191 11.92 25.62 19.11
C ILE D 191 10.90 25.79 18.02
N THR D 192 9.76 25.12 18.09
CA THR D 192 8.79 25.30 17.04
C THR D 192 8.02 26.61 17.22
N THR D 193 7.61 26.92 18.47
CA THR D 193 7.04 28.22 18.75
C THR D 193 7.96 29.30 18.18
N MET D 194 9.28 29.14 18.33
CA MET D 194 10.19 30.18 17.89
C MET D 194 10.21 30.31 16.37
N ILE D 195 10.33 29.20 15.64
CA ILE D 195 10.32 29.25 14.17
C ILE D 195 9.02 29.86 13.63
N ILE D 196 7.88 29.51 14.23
CA ILE D 196 6.61 30.05 13.78
C ILE D 196 6.66 31.56 13.83
N ASN D 197 7.04 32.08 14.99
CA ASN D 197 7.02 33.52 15.22
C ASN D 197 7.83 34.25 14.18
N GLU D 198 9.02 33.72 13.87
CA GLU D 198 9.87 34.37 12.90
C GLU D 198 9.25 34.30 11.50
N ARG D 199 8.59 33.20 11.18
CA ARG D 199 7.87 33.15 9.91
C ARG D 199 6.73 34.16 9.92
N ASN D 200 6.12 34.41 11.06
CA ASN D 200 5.05 35.38 11.11
C ASN D 200 5.60 36.80 10.97
N ARG D 201 6.52 37.22 11.84
CA ARG D 201 7.22 38.50 11.64
C ARG D 201 7.47 38.74 10.17
N ARG D 202 8.23 37.85 9.56
CA ARG D 202 8.54 37.96 8.14
C ARG D 202 7.29 38.11 7.30
N SER D 203 6.24 37.35 7.59
CA SER D 203 4.99 37.52 6.85
C SER D 203 4.29 38.83 7.22
N ASN D 204 4.46 39.30 8.45
CA ASN D 204 3.76 40.48 8.96
C ASN D 204 4.29 41.77 8.32
N ILE D 205 5.61 41.90 8.24
CA ILE D 205 6.21 43.00 7.48
C ILE D 205 5.93 42.81 5.99
N GLY D 206 6.31 41.67 5.42
CA GLY D 206 6.00 41.37 4.03
C GLY D 206 4.55 41.67 3.66
N ASN D 207 3.69 41.76 4.68
CA ASN D 207 2.32 42.21 4.46
C ASN D 207 2.25 43.74 4.42
N CYS D 208 2.56 44.40 5.53
CA CYS D 208 2.33 45.84 5.62
C CYS D 208 2.90 46.58 4.43
N MET D 209 4.17 46.32 4.11
CA MET D 209 4.77 46.90 2.90
C MET D 209 3.83 46.76 1.70
N GLU D 210 3.48 45.52 1.36
CA GLU D 210 2.57 45.26 0.25
C GLU D 210 1.14 45.83 0.46
N SER E 1 -0.42 6.76 2.06
CA SER E 1 -1.15 6.82 3.31
C SER E 1 -2.28 7.77 3.05
N LYS E 2 -3.42 7.24 2.63
CA LYS E 2 -4.56 8.08 2.33
C LYS E 2 -5.26 8.44 3.64
N HIS E 3 -5.62 9.71 3.82
CA HIS E 3 -6.14 10.12 5.10
C HIS E 3 -7.45 10.89 5.08
N ARG E 4 -7.95 11.37 3.93
CA ARG E 4 -9.16 12.20 3.93
C ARG E 4 -10.33 11.50 3.26
N ILE E 5 -11.51 11.67 3.86
CA ILE E 5 -12.72 11.12 3.28
C ILE E 5 -13.00 11.87 1.97
N GLU E 6 -13.13 11.12 0.88
CA GLU E 6 -13.55 11.72 -0.36
C GLU E 6 -14.78 12.59 -0.13
N PRO E 7 -14.84 13.79 -0.74
CA PRO E 7 -16.01 14.68 -0.54
C PRO E 7 -17.24 14.25 -1.34
N VAL E 8 -18.44 14.60 -0.82
CA VAL E 8 -19.68 14.24 -1.51
C VAL E 8 -19.93 15.25 -2.62
N CYS E 9 -20.27 14.74 -3.79
CA CYS E 9 -20.21 15.51 -5.02
C CYS E 9 -21.59 15.65 -5.64
N LEU E 10 -22.02 16.87 -5.94
CA LEU E 10 -23.26 17.12 -6.65
C LEU E 10 -22.97 17.82 -7.97
N LEU E 11 -23.60 17.34 -9.03
CA LEU E 11 -23.50 17.95 -10.35
C LEU E 11 -24.91 18.18 -10.89
N VAL E 12 -25.32 19.45 -11.07
CA VAL E 12 -26.62 19.74 -11.70
C VAL E 12 -26.42 20.12 -13.16
N HIS E 13 -26.96 19.31 -14.07
CA HIS E 13 -27.00 19.68 -15.48
C HIS E 13 -28.13 20.64 -15.81
N GLY E 14 -27.92 21.48 -16.83
CA GLY E 14 -29.04 22.28 -17.32
C GLY E 14 -28.78 23.44 -18.25
N SER E 15 -29.70 23.65 -19.20
CA SER E 15 -29.70 24.79 -20.11
C SER E 15 -29.45 26.06 -19.30
N PRO E 16 -28.97 27.14 -19.94
CA PRO E 16 -28.34 28.24 -19.18
C PRO E 16 -29.31 29.19 -18.44
N GLY E 17 -30.59 29.23 -18.76
CA GLY E 17 -31.44 30.06 -17.93
C GLY E 17 -32.09 29.36 -16.76
N THR E 18 -31.80 28.08 -16.56
CA THR E 18 -32.61 27.14 -15.80
C THR E 18 -32.51 27.28 -14.27
N GLY E 19 -31.71 28.19 -13.73
CA GLY E 19 -31.54 28.30 -12.28
C GLY E 19 -30.39 27.50 -11.76
N LYS E 20 -29.60 26.97 -12.66
CA LYS E 20 -28.65 25.93 -12.33
C LYS E 20 -27.54 26.45 -11.41
N SER E 21 -27.12 27.70 -11.59
CA SER E 21 -26.23 28.33 -10.62
C SER E 21 -26.93 28.56 -9.30
N VAL E 22 -28.18 29.03 -9.37
CA VAL E 22 -28.92 29.41 -8.16
C VAL E 22 -29.16 28.22 -7.27
N ALA E 23 -29.25 27.02 -7.86
CA ALA E 23 -29.42 25.80 -7.10
C ALA E 23 -28.12 25.40 -6.40
N THR E 24 -27.02 25.33 -7.15
CA THR E 24 -25.74 24.98 -6.55
C THR E 24 -25.41 25.91 -5.38
N ASN E 25 -25.84 27.16 -5.46
CA ASN E 25 -25.57 28.12 -4.41
C ASN E 25 -26.60 28.10 -3.29
N LEU E 26 -27.81 27.64 -3.53
CA LEU E 26 -28.77 27.57 -2.43
C LEU E 26 -28.41 26.45 -1.48
N ILE E 27 -28.08 25.28 -2.07
CA ILE E 27 -27.69 24.11 -1.30
C ILE E 27 -26.49 24.45 -0.44
N ALA E 28 -25.54 25.20 -1.01
CA ALA E 28 -24.24 25.37 -0.39
C ALA E 28 -24.30 26.28 0.83
N ARG E 29 -25.04 27.38 0.74
CA ARG E 29 -25.18 28.18 1.93
C ARG E 29 -25.97 27.44 3.00
N ALA E 30 -26.76 26.44 2.59
CA ALA E 30 -27.51 25.65 3.56
C ALA E 30 -26.59 24.70 4.32
N ILE E 31 -25.82 23.90 3.59
CA ILE E 31 -24.86 23.01 4.20
C ILE E 31 -23.91 23.79 5.09
N ALA E 32 -23.37 24.88 4.55
CA ALA E 32 -22.35 25.67 5.25
C ALA E 32 -22.83 26.13 6.61
N GLU E 33 -24.03 26.71 6.66
CA GLU E 33 -24.58 27.12 7.95
C GLU E 33 -24.70 25.93 8.90
N ALA E 34 -24.93 24.73 8.35
CA ALA E 34 -25.20 23.56 9.18
C ALA E 34 -23.95 23.07 9.90
N GLU E 35 -22.85 23.01 9.15
CA GLU E 35 -21.54 22.70 9.68
C GLU E 35 -20.76 23.95 10.12
N ASN E 36 -21.41 25.12 10.16
CA ASN E 36 -20.79 26.35 10.66
C ASN E 36 -19.50 26.68 9.92
N THR E 37 -19.59 26.72 8.60
CA THR E 37 -18.47 27.11 7.77
C THR E 37 -18.86 28.26 6.86
N SER E 38 -18.23 28.27 5.70
CA SER E 38 -18.32 29.30 4.73
C SER E 38 -18.19 28.56 3.44
N THR E 39 -18.39 29.28 2.36
CA THR E 39 -18.35 28.72 1.03
C THR E 39 -17.15 29.30 0.30
N TYR E 40 -16.71 28.62 -0.73
CA TYR E 40 -15.65 29.14 -1.59
C TYR E 40 -15.95 28.74 -3.02
N SER E 41 -16.07 29.70 -3.92
CA SER E 41 -16.54 29.41 -5.25
C SER E 41 -15.40 29.49 -6.24
N LEU E 42 -15.35 28.55 -7.13
CA LEU E 42 -14.35 28.55 -8.17
C LEU E 42 -14.87 29.27 -9.41
N PRO E 43 -13.99 30.04 -10.06
CA PRO E 43 -14.34 30.60 -11.37
C PRO E 43 -14.51 29.50 -12.41
N PRO E 44 -15.30 29.76 -13.46
CA PRO E 44 -15.33 28.81 -14.58
C PRO E 44 -13.97 28.73 -15.26
N ASP E 45 -13.68 27.59 -15.88
CA ASP E 45 -12.34 27.28 -16.37
C ASP E 45 -11.30 27.74 -15.34
N PRO E 46 -11.29 27.12 -14.14
CA PRO E 46 -10.40 27.63 -13.10
C PRO E 46 -9.16 26.80 -12.93
N SER E 47 -8.09 27.47 -12.51
CA SER E 47 -6.82 26.83 -12.23
C SER E 47 -6.25 27.19 -10.86
N HIS E 48 -6.77 28.22 -10.18
CA HIS E 48 -6.12 28.77 -9.00
C HIS E 48 -7.13 28.89 -7.88
N PHE E 49 -6.72 28.52 -6.65
CA PHE E 49 -7.64 28.47 -5.53
C PHE E 49 -7.41 29.63 -4.57
N ASP E 50 -6.85 30.72 -5.09
CA ASP E 50 -6.51 31.84 -4.25
C ASP E 50 -7.73 32.18 -3.40
N GLY E 51 -7.51 32.37 -2.11
CA GLY E 51 -8.61 32.58 -1.20
C GLY E 51 -9.22 31.32 -0.60
N TYR E 52 -8.80 30.13 -1.06
CA TYR E 52 -9.21 28.87 -0.44
C TYR E 52 -8.55 28.72 0.92
N LYS E 53 -9.32 28.94 1.99
CA LYS E 53 -8.89 28.65 3.36
C LYS E 53 -9.63 27.46 3.95
N GLN E 54 -9.67 26.35 3.20
CA GLN E 54 -10.19 25.05 3.67
C GLN E 54 -11.65 25.16 4.10
N GLN E 55 -12.34 26.15 3.60
CA GLN E 55 -13.78 26.17 3.80
C GLN E 55 -14.40 24.85 3.34
N GLY E 56 -15.58 24.54 3.88
CA GLY E 56 -16.14 23.20 3.80
C GLY E 56 -16.72 22.87 2.45
N VAL E 57 -17.33 23.87 1.79
CA VAL E 57 -17.97 23.71 0.49
C VAL E 57 -17.14 24.38 -0.59
N VAL E 58 -17.09 23.73 -1.74
CA VAL E 58 -16.54 24.29 -2.97
C VAL E 58 -17.60 24.22 -4.08
N ILE E 59 -17.83 25.34 -4.76
CA ILE E 59 -18.65 25.41 -5.97
C ILE E 59 -17.77 25.48 -7.21
N MET E 60 -18.02 24.60 -8.17
CA MET E 60 -17.51 24.75 -9.52
C MET E 60 -18.65 25.16 -10.44
N ASP E 61 -18.41 26.09 -11.36
CA ASP E 61 -19.46 26.38 -12.31
C ASP E 61 -18.94 26.15 -13.73
N ASP E 62 -19.87 25.79 -14.61
CA ASP E 62 -19.59 25.61 -16.04
C ASP E 62 -18.57 24.52 -16.29
N LEU E 63 -18.72 23.42 -15.58
CA LEU E 63 -17.78 22.33 -15.74
C LEU E 63 -17.87 21.71 -17.10
N ASN E 64 -16.73 21.70 -17.77
CA ASN E 64 -16.65 21.08 -19.07
C ASN E 64 -16.21 19.63 -18.89
N GLN E 65 -17.18 18.72 -18.95
CA GLN E 65 -16.95 17.27 -18.86
C GLN E 65 -16.15 16.76 -20.07
N GLY E 69 -10.01 17.40 -20.31
CA GLY E 69 -10.73 18.58 -19.84
C GLY E 69 -10.09 19.23 -18.62
N ALA E 70 -9.50 20.42 -18.78
CA ALA E 70 -8.91 21.12 -17.64
C ALA E 70 -9.89 21.23 -16.48
N ASP E 71 -11.14 21.63 -16.77
CA ASP E 71 -12.19 21.62 -15.75
C ASP E 71 -12.13 20.32 -14.95
N MET E 72 -12.06 19.20 -15.65
CA MET E 72 -12.37 17.93 -15.06
C MET E 72 -11.15 17.18 -14.59
N LYS E 73 -9.98 17.53 -15.10
CA LYS E 73 -8.76 16.99 -14.54
C LYS E 73 -8.58 17.48 -13.10
N LEU E 74 -8.78 18.78 -12.88
CA LEU E 74 -8.73 19.36 -11.55
C LEU E 74 -9.91 18.94 -10.69
N PHE E 75 -11.02 18.53 -11.31
CA PHE E 75 -12.13 18.10 -10.49
C PHE E 75 -11.86 16.73 -9.88
N CYS E 76 -11.31 15.82 -10.69
CA CYS E 76 -10.93 14.49 -10.20
C CYS E 76 -10.05 14.60 -8.95
N GLN E 77 -9.19 15.61 -8.92
CA GLN E 77 -8.26 15.72 -7.80
C GLN E 77 -8.94 16.23 -6.53
N MET E 78 -9.91 17.14 -6.64
CA MET E 78 -10.64 17.54 -5.45
C MET E 78 -11.40 16.37 -4.86
N VAL E 79 -12.34 15.79 -5.61
CA VAL E 79 -13.06 14.63 -5.12
C VAL E 79 -12.13 13.43 -5.11
N SER E 80 -11.42 13.25 -4.00
CA SER E 80 -10.58 12.08 -3.85
C SER E 80 -10.26 11.87 -2.38
N THR E 81 -9.58 10.77 -2.11
CA THR E 81 -8.99 10.47 -0.82
C THR E 81 -7.55 10.92 -0.70
N VAL E 82 -6.86 11.04 -1.82
CA VAL E 82 -5.44 11.35 -1.81
C VAL E 82 -5.27 12.85 -1.59
N GLU E 83 -4.22 13.19 -0.86
CA GLU E 83 -3.94 14.58 -0.50
C GLU E 83 -3.90 15.46 -1.75
N PHE E 84 -4.49 16.65 -1.62
CA PHE E 84 -4.52 17.58 -2.73
C PHE E 84 -4.09 18.99 -2.30
N ILE E 85 -3.20 19.57 -3.10
CA ILE E 85 -2.63 20.88 -2.83
C ILE E 85 -3.05 21.82 -3.95
N PRO E 86 -4.04 22.69 -3.70
CA PRO E 86 -4.52 23.57 -4.74
C PRO E 86 -3.44 24.53 -5.22
N PRO E 87 -3.28 24.69 -6.53
CA PRO E 87 -2.39 25.74 -7.03
C PRO E 87 -2.90 27.13 -6.72
N MET E 88 -1.99 27.99 -6.30
CA MET E 88 -2.29 29.38 -6.00
C MET E 88 -1.45 30.28 -6.91
N ALA E 89 -1.96 31.48 -7.21
CA ALA E 89 -1.14 32.47 -7.89
C ALA E 89 -0.29 33.24 -6.90
N SER E 90 -0.90 33.71 -5.82
CA SER E 90 -0.15 34.33 -4.74
C SER E 90 0.81 33.33 -4.14
N LEU E 91 2.06 33.73 -3.99
CA LEU E 91 3.00 32.84 -3.34
C LEU E 91 2.72 32.78 -1.85
N ALA E 92 2.33 33.91 -1.22
CA ALA E 92 2.06 33.91 0.23
C ALA E 92 0.85 33.00 0.67
N GLU E 93 0.27 32.21 -0.25
CA GLU E 93 -0.82 31.31 0.08
C GLU E 93 -0.51 29.88 -0.28
N ALA E 94 0.19 29.66 -1.39
CA ALA E 94 0.49 28.32 -1.86
C ALA E 94 0.99 27.43 -0.73
N GLY E 95 0.33 26.31 -0.53
CA GLY E 95 0.73 25.41 0.51
C GLY E 95 -0.45 24.88 1.32
N ILE E 96 -1.63 25.40 1.09
CA ILE E 96 -2.76 25.00 1.89
C ILE E 96 -3.28 23.68 1.34
N LEU E 97 -3.62 22.74 2.24
CA LEU E 97 -4.22 21.45 1.88
C LEU E 97 -5.72 21.57 1.62
N PHE E 98 -6.19 20.89 0.57
CA PHE E 98 -7.62 20.77 0.24
C PHE E 98 -8.31 19.78 1.16
N THR E 99 -9.23 20.28 1.99
CA THR E 99 -9.93 19.47 2.97
C THR E 99 -11.39 19.84 2.92
N SER E 100 -11.89 19.91 1.72
CA SER E 100 -13.26 20.31 1.50
C SER E 100 -14.10 19.05 1.46
N ASN E 101 -15.29 19.16 2.03
CA ASN E 101 -16.14 17.99 2.20
C ASN E 101 -17.11 17.80 1.05
N TYR E 102 -17.54 18.92 0.46
CA TYR E 102 -18.48 18.96 -0.64
C TYR E 102 -17.90 19.72 -1.83
N VAL E 103 -18.25 19.27 -3.02
CA VAL E 103 -18.00 20.02 -4.24
C VAL E 103 -19.32 19.97 -5.01
N LEU E 104 -19.92 21.13 -5.24
CA LEU E 104 -21.10 21.25 -6.09
C LEU E 104 -20.68 21.80 -7.46
N ALA E 105 -21.23 21.24 -8.52
CA ALA E 105 -20.88 21.71 -9.84
C ALA E 105 -22.11 21.75 -10.70
N SER E 106 -22.09 22.70 -11.63
CA SER E 106 -23.15 22.90 -12.60
C SER E 106 -22.56 22.83 -13.99
N THR E 107 -23.42 22.56 -14.96
CA THR E 107 -23.02 22.18 -16.30
C THR E 107 -24.25 22.17 -17.17
N ASN E 108 -24.06 22.16 -18.49
CA ASN E 108 -25.06 21.64 -19.43
C ASN E 108 -24.29 20.85 -20.47
N SER E 109 -24.33 19.53 -20.35
CA SER E 109 -23.63 18.63 -21.27
C SER E 109 -24.07 17.18 -21.01
N SER E 120 -13.83 6.45 -18.48
CA SER E 120 -14.82 7.52 -18.46
C SER E 120 -15.95 7.16 -17.47
N ASP E 121 -16.00 5.88 -17.09
CA ASP E 121 -16.88 5.40 -16.03
C ASP E 121 -16.22 5.47 -14.66
N ALA E 122 -14.88 5.47 -14.62
CA ALA E 122 -14.12 5.60 -13.37
C ALA E 122 -14.19 7.01 -12.80
N LEU E 123 -14.37 8.01 -13.66
CA LEU E 123 -14.66 9.37 -13.22
C LEU E 123 -16.14 9.56 -12.88
N ALA E 124 -17.04 8.79 -13.51
CA ALA E 124 -18.47 8.99 -13.32
C ALA E 124 -18.87 8.70 -11.88
N ARG E 125 -18.41 7.56 -11.34
CA ARG E 125 -18.68 7.20 -9.96
C ARG E 125 -18.46 8.36 -9.01
N ARG E 126 -17.62 9.33 -9.40
CA ARG E 126 -17.33 10.49 -8.55
C ARG E 126 -18.54 11.39 -8.38
N PHE E 127 -19.56 11.26 -9.24
CA PHE E 127 -20.76 12.08 -9.15
C PHE E 127 -21.74 11.35 -8.27
N ALA E 128 -21.68 11.67 -6.99
CA ALA E 128 -22.59 11.11 -5.98
C ALA E 128 -24.03 11.53 -6.25
N PHE E 129 -24.24 12.64 -6.90
CA PHE E 129 -25.59 13.10 -7.22
C PHE E 129 -25.54 13.74 -8.59
N ASP E 130 -26.07 13.04 -9.59
CA ASP E 130 -26.10 13.50 -10.97
C ASP E 130 -27.54 13.92 -11.29
N MET E 131 -27.88 15.17 -10.99
CA MET E 131 -29.22 15.68 -11.16
C MET E 131 -29.34 16.47 -12.47
N ASP E 132 -30.61 16.67 -12.88
CA ASP E 132 -31.05 17.53 -13.98
C ASP E 132 -32.00 18.60 -13.44
N ILE E 133 -31.55 19.86 -13.47
CA ILE E 133 -32.40 20.98 -13.03
C ILE E 133 -33.60 21.09 -13.96
N GLN E 134 -34.77 21.35 -13.38
CA GLN E 134 -36.01 21.42 -14.14
C GLN E 134 -36.87 22.51 -13.55
N VAL E 135 -37.25 23.46 -14.43
CA VAL E 135 -37.96 24.67 -14.04
C VAL E 135 -39.45 24.40 -14.15
N MET E 136 -40.18 24.64 -13.09
CA MET E 136 -41.61 24.39 -13.15
C MET E 136 -42.29 25.52 -13.93
N ASN E 137 -43.38 25.17 -14.62
CA ASN E 137 -43.94 26.05 -15.65
C ASN E 137 -44.53 27.35 -15.07
N GLU E 138 -45.11 27.28 -13.88
CA GLU E 138 -45.69 28.48 -13.31
C GLU E 138 -44.66 29.57 -13.08
N TYR E 139 -43.39 29.21 -13.02
CA TYR E 139 -42.32 30.12 -12.65
C TYR E 139 -41.33 30.28 -13.79
N SER E 140 -41.80 30.11 -15.02
CA SER E 140 -40.95 30.15 -16.20
C SER E 140 -41.60 31.03 -17.26
N ARG E 141 -41.34 32.33 -17.20
CA ARG E 141 -41.69 33.20 -18.29
C ARG E 141 -40.50 33.28 -19.26
N ASP E 142 -40.80 33.23 -20.54
CA ASP E 142 -39.78 33.33 -21.59
C ASP E 142 -38.82 32.13 -21.59
N GLY E 143 -39.16 31.06 -20.87
CA GLY E 143 -38.34 29.85 -20.88
C GLY E 143 -37.19 29.87 -19.90
N LYS E 144 -37.29 30.63 -18.82
CA LYS E 144 -36.21 30.72 -17.86
C LYS E 144 -36.77 31.07 -16.49
N LEU E 145 -35.93 30.87 -15.48
CA LEU E 145 -36.40 31.03 -14.12
C LEU E 145 -36.94 32.42 -13.89
N ASN E 146 -38.21 32.51 -13.48
CA ASN E 146 -38.79 33.77 -13.03
C ASN E 146 -38.28 34.05 -11.62
N MET E 147 -37.06 34.58 -11.55
CA MET E 147 -36.39 34.72 -10.26
C MET E 147 -37.15 35.61 -9.29
N ALA E 148 -37.92 36.57 -9.79
CA ALA E 148 -38.67 37.43 -8.88
C ALA E 148 -39.79 36.66 -8.20
N MET E 149 -40.42 35.72 -8.93
CA MET E 149 -41.38 34.80 -8.33
C MET E 149 -40.68 33.83 -7.38
N ALA E 150 -39.64 33.16 -7.88
CA ALA E 150 -39.03 32.06 -7.15
C ALA E 150 -38.51 32.49 -5.77
N THR E 151 -38.10 33.77 -5.62
CA THR E 151 -37.54 34.26 -4.35
C THR E 151 -38.61 34.71 -3.35
N GLU E 152 -39.83 34.98 -3.80
CA GLU E 152 -40.84 35.46 -2.87
C GLU E 152 -41.03 34.41 -1.79
N MET E 153 -41.01 34.85 -0.54
CA MET E 153 -41.10 33.89 0.56
C MET E 153 -42.42 33.11 0.52
N CYS E 154 -42.42 31.95 1.18
CA CYS E 154 -43.54 31.03 1.16
C CYS E 154 -44.41 31.26 2.39
N LYS E 155 -45.72 31.29 2.17
CA LYS E 155 -46.72 31.76 3.14
C LYS E 155 -47.25 30.67 4.04
N ASN E 156 -47.54 29.48 3.48
CA ASN E 156 -48.09 28.37 4.25
C ASN E 156 -47.30 27.09 4.01
N CYS E 157 -46.07 27.23 3.54
CA CYS E 157 -45.16 26.10 3.54
C CYS E 157 -44.90 25.59 4.95
N HIS E 158 -44.52 24.32 5.02
CA HIS E 158 -44.06 23.74 6.27
C HIS E 158 -42.56 23.99 6.40
N GLN E 159 -42.11 24.21 7.62
CA GLN E 159 -40.70 24.50 7.94
C GLN E 159 -39.69 23.60 7.23
N PRO E 160 -38.76 24.15 6.45
CA PRO E 160 -37.75 23.31 5.80
C PRO E 160 -36.77 22.73 6.80
N ALA E 161 -36.00 21.78 6.30
CA ALA E 161 -35.05 21.06 7.12
C ALA E 161 -33.70 21.74 7.16
N ASN E 162 -33.31 22.35 6.06
CA ASN E 162 -31.99 22.97 5.98
C ASN E 162 -32.09 24.46 5.67
N PHE E 163 -33.27 25.05 5.87
CA PHE E 163 -33.45 26.49 5.74
C PHE E 163 -34.35 26.92 6.88
N LYS E 164 -34.12 28.12 7.40
CA LYS E 164 -34.96 28.57 8.51
C LYS E 164 -36.30 29.12 8.02
N ARG E 165 -36.39 29.55 6.76
CA ARG E 165 -37.65 29.89 6.09
C ARG E 165 -37.68 29.24 4.68
N CYS E 166 -38.80 29.41 3.97
CA CYS E 166 -39.04 28.66 2.74
C CYS E 166 -39.46 29.58 1.60
N CYS E 167 -39.13 29.15 0.40
CA CYS E 167 -39.50 29.88 -0.79
C CYS E 167 -39.53 28.89 -1.93
N PRO E 168 -40.13 29.23 -3.05
CA PRO E 168 -40.33 28.25 -4.12
C PRO E 168 -39.08 27.69 -4.79
N LEU E 169 -37.89 28.10 -4.41
CA LEU E 169 -36.74 27.27 -4.79
C LEU E 169 -36.46 26.20 -3.74
N VAL E 170 -36.70 26.54 -2.47
CA VAL E 170 -36.48 25.62 -1.36
C VAL E 170 -37.36 24.38 -1.53
N CYS E 171 -38.60 24.58 -1.97
CA CYS E 171 -39.68 23.62 -1.79
C CYS E 171 -40.14 23.01 -3.10
N GLY E 172 -39.36 23.18 -4.17
CA GLY E 172 -39.71 22.47 -5.37
C GLY E 172 -40.91 23.00 -6.09
N LYS E 173 -41.58 24.03 -5.55
CA LYS E 173 -42.62 24.71 -6.31
C LYS E 173 -42.06 25.25 -7.63
N ALA E 174 -41.03 26.08 -7.56
CA ALA E 174 -40.48 26.71 -8.74
C ALA E 174 -39.43 25.85 -9.43
N ILE E 175 -38.57 25.19 -8.64
CA ILE E 175 -37.42 24.48 -9.17
C ILE E 175 -37.28 23.10 -8.53
N GLN E 176 -37.00 22.12 -9.38
CA GLN E 176 -36.75 20.77 -8.92
C GLN E 176 -35.63 20.13 -9.72
N LEU E 177 -34.92 19.22 -9.08
CA LEU E 177 -33.85 18.53 -9.76
C LEU E 177 -34.08 17.03 -9.68
N MET E 178 -33.72 16.36 -10.75
CA MET E 178 -34.17 15.02 -11.06
C MET E 178 -32.96 14.13 -11.27
N ASP E 179 -32.82 13.11 -10.44
CA ASP E 179 -31.72 12.17 -10.58
C ASP E 179 -31.64 11.61 -12.01
N LYS E 180 -30.49 11.80 -12.66
CA LYS E 180 -30.38 11.43 -14.06
C LYS E 180 -30.60 9.94 -14.24
N SER E 181 -30.17 9.13 -13.28
CA SER E 181 -30.20 7.68 -13.40
C SER E 181 -31.50 7.05 -12.90
N SER E 182 -31.98 7.48 -11.73
CA SER E 182 -33.21 6.90 -11.16
C SER E 182 -34.45 7.52 -11.80
N ARG E 183 -34.48 8.85 -11.92
CA ARG E 183 -35.54 9.65 -12.53
C ARG E 183 -36.51 10.30 -11.53
N VAL E 184 -36.27 10.15 -10.23
CA VAL E 184 -37.15 10.77 -9.24
C VAL E 184 -36.73 12.21 -9.00
N ARG E 185 -37.67 13.00 -8.48
CA ARG E 185 -37.51 14.43 -8.37
C ARG E 185 -37.43 14.84 -6.92
N TYR E 186 -36.54 15.78 -6.64
CA TYR E 186 -36.30 16.27 -5.30
C TYR E 186 -36.31 17.77 -5.34
N SER E 187 -36.77 18.37 -4.24
CA SER E 187 -36.65 19.80 -4.09
C SER E 187 -35.23 20.15 -3.65
N ILE E 188 -34.94 21.44 -3.53
CA ILE E 188 -33.64 21.80 -2.97
C ILE E 188 -33.56 21.35 -1.52
N ASP E 189 -34.58 21.68 -0.70
CA ASP E 189 -34.49 21.41 0.73
C ASP E 189 -34.23 19.93 0.99
N GLN E 190 -34.68 19.09 0.07
CA GLN E 190 -34.57 17.66 0.26
C GLN E 190 -33.17 17.18 -0.06
N ILE E 191 -32.62 17.63 -1.20
CA ILE E 191 -31.38 17.05 -1.69
C ILE E 191 -30.22 17.52 -0.84
N THR E 192 -30.39 18.61 -0.11
CA THR E 192 -29.44 19.01 0.92
C THR E 192 -29.24 17.92 1.96
N THR E 193 -30.31 17.52 2.70
CA THR E 193 -30.12 16.47 3.73
C THR E 193 -29.64 15.21 3.07
N MET E 194 -30.15 14.90 1.90
CA MET E 194 -29.57 13.79 1.16
C MET E 194 -28.07 13.94 1.05
N ILE E 195 -27.57 15.16 0.86
CA ILE E 195 -26.12 15.37 0.73
C ILE E 195 -25.46 15.50 2.11
N ILE E 196 -25.99 16.31 3.02
CA ILE E 196 -25.54 16.33 4.40
C ILE E 196 -25.38 14.92 4.95
N ASN E 197 -26.30 14.06 4.57
CA ASN E 197 -26.31 12.77 5.24
C ASN E 197 -25.33 11.81 4.59
N GLU E 198 -25.24 11.76 3.27
CA GLU E 198 -24.16 10.95 2.71
C GLU E 198 -22.80 11.41 3.21
N ARG E 199 -22.70 12.67 3.67
CA ARG E 199 -21.45 13.12 4.26
C ARG E 199 -21.36 12.71 5.73
N ASN E 200 -22.43 12.91 6.52
CA ASN E 200 -22.48 12.29 7.84
C ASN E 200 -22.28 10.78 7.75
N ARG E 201 -22.87 10.14 6.73
CA ARG E 201 -22.72 8.70 6.58
C ARG E 201 -21.24 8.33 6.57
N ARG E 202 -20.50 8.83 5.57
CA ARG E 202 -19.11 8.42 5.41
C ARG E 202 -18.28 8.77 6.67
N SER E 203 -18.62 9.86 7.36
CA SER E 203 -17.94 10.19 8.60
C SER E 203 -18.08 9.06 9.62
N ASN E 204 -19.33 8.75 10.02
CA ASN E 204 -19.59 7.77 11.07
C ASN E 204 -19.11 6.35 10.72
N ILE E 205 -19.23 5.94 9.46
CA ILE E 205 -18.72 4.63 9.07
C ILE E 205 -17.21 4.59 9.21
N GLY E 206 -16.54 5.67 8.76
CA GLY E 206 -15.11 5.88 8.90
C GLY E 206 -14.62 5.79 10.33
N ASN E 207 -15.19 6.61 11.22
CA ASN E 207 -14.83 6.52 12.62
C ASN E 207 -15.13 5.13 13.14
N CYS E 208 -16.28 4.58 12.78
CA CYS E 208 -16.63 3.29 13.35
C CYS E 208 -15.55 2.28 13.02
N MET E 209 -15.24 2.12 11.73
CA MET E 209 -14.26 1.11 11.33
C MET E 209 -12.93 1.37 11.99
N GLU E 210 -12.51 2.63 12.04
CA GLU E 210 -11.25 2.98 12.68
C GLU E 210 -11.20 2.43 14.10
N ALA E 211 -12.33 2.44 14.80
CA ALA E 211 -12.33 2.05 16.18
C ALA E 211 -12.42 0.54 16.36
N LEU E 212 -12.92 -0.19 15.37
CA LEU E 212 -13.02 -1.63 15.51
C LEU E 212 -11.78 -2.35 14.99
N PHE E 213 -11.12 -1.77 14.03
CA PHE E 213 -9.96 -2.39 13.44
C PHE E 213 -8.70 -1.53 13.60
N GLN E 214 -8.50 -0.96 14.78
CA GLN E 214 -7.40 -0.03 15.03
C GLN E 214 -7.65 0.60 16.38
N ARG F 4 -22.94 44.30 1.32
CA ARG F 4 -23.35 44.93 0.08
C ARG F 4 -23.25 43.98 -1.09
N ILE F 5 -24.14 44.15 -2.07
CA ILE F 5 -24.19 43.30 -3.25
C ILE F 5 -23.20 43.80 -4.29
N GLU F 6 -22.48 42.87 -4.91
CA GLU F 6 -21.48 43.26 -5.88
C GLU F 6 -22.14 44.12 -6.95
N PRO F 7 -21.68 45.35 -7.18
CA PRO F 7 -22.16 46.07 -8.34
C PRO F 7 -21.97 45.24 -9.61
N VAL F 8 -22.99 45.27 -10.45
CA VAL F 8 -22.84 44.74 -11.78
C VAL F 8 -21.76 45.54 -12.50
N CYS F 9 -21.22 44.97 -13.58
CA CYS F 9 -20.08 45.61 -14.20
C CYS F 9 -20.02 45.43 -15.72
N LEU F 10 -19.71 46.54 -16.44
CA LEU F 10 -19.68 46.60 -17.90
C LEU F 10 -18.41 47.26 -18.43
N LEU F 11 -17.95 46.73 -19.56
CA LEU F 11 -16.71 47.10 -20.20
C LEU F 11 -16.89 47.24 -21.71
N GLY F 19 -16.53 55.84 -30.54
CA GLY F 19 -17.66 56.40 -29.83
C GLY F 19 -17.97 55.60 -28.58
N LYS F 20 -16.93 54.98 -28.05
CA LYS F 20 -17.11 54.02 -26.98
C LYS F 20 -17.38 54.67 -25.63
N SER F 21 -16.87 55.88 -25.38
CA SER F 21 -17.25 56.55 -24.16
C SER F 21 -18.67 57.09 -24.26
N VAL F 22 -19.12 57.39 -25.49
CA VAL F 22 -20.50 57.82 -25.70
C VAL F 22 -21.45 56.81 -25.08
N ALA F 23 -21.23 55.53 -25.41
CA ALA F 23 -22.12 54.47 -24.99
C ALA F 23 -22.17 54.34 -23.47
N THR F 24 -21.01 54.11 -22.84
CA THR F 24 -21.02 53.98 -21.39
C THR F 24 -21.80 55.12 -20.76
N ASN F 25 -21.65 56.33 -21.28
CA ASN F 25 -22.35 57.47 -20.71
C ASN F 25 -23.78 57.56 -21.20
N LEU F 26 -24.13 56.86 -22.28
CA LEU F 26 -25.53 56.70 -22.62
C LEU F 26 -26.22 55.78 -21.62
N ILE F 27 -25.76 54.53 -21.57
CA ILE F 27 -26.30 53.54 -20.63
C ILE F 27 -26.41 54.14 -19.25
N ALA F 28 -25.31 54.76 -18.80
CA ALA F 28 -25.25 55.26 -17.44
C ALA F 28 -26.44 56.16 -17.13
N ARG F 29 -26.84 56.97 -18.11
CA ARG F 29 -28.04 57.80 -17.95
C ARG F 29 -29.28 56.91 -17.91
N ALA F 30 -29.49 56.12 -18.98
CA ALA F 30 -30.67 55.25 -19.02
C ALA F 30 -30.86 54.49 -17.70
N ILE F 31 -29.77 53.96 -17.14
CA ILE F 31 -29.85 53.19 -15.90
C ILE F 31 -30.35 54.06 -14.74
N ALA F 32 -29.69 55.19 -14.51
CA ALA F 32 -30.01 55.99 -13.32
C ALA F 32 -31.44 56.54 -13.37
N GLU F 33 -32.07 56.62 -14.56
CA GLU F 33 -33.45 57.11 -14.67
C GLU F 33 -34.45 56.07 -14.18
N ALA F 34 -34.26 54.81 -14.58
CA ALA F 34 -35.05 53.73 -14.03
C ALA F 34 -34.91 53.69 -12.51
N GLU F 35 -33.70 53.88 -11.98
CA GLU F 35 -33.45 53.80 -10.55
C GLU F 35 -33.36 55.18 -9.88
N ASN F 36 -33.81 56.25 -10.55
CA ASN F 36 -33.84 57.62 -10.01
C ASN F 36 -32.58 57.92 -9.21
N TYR F 40 -22.19 59.20 -11.49
CA TYR F 40 -20.94 59.88 -11.17
C TYR F 40 -19.76 59.35 -11.99
N SER F 41 -19.16 60.22 -12.81
CA SER F 41 -18.03 59.83 -13.64
C SER F 41 -16.75 59.87 -12.82
N LEU F 42 -16.09 58.73 -12.70
CA LEU F 42 -14.72 58.76 -12.22
C LEU F 42 -13.83 59.15 -13.37
N CYS F 76 -10.99 47.59 -8.68
CA CYS F 76 -11.12 46.32 -7.98
C CYS F 76 -11.88 46.49 -6.68
N GLN F 77 -11.56 47.55 -5.93
CA GLN F 77 -12.15 47.74 -4.60
C GLN F 77 -13.63 48.09 -4.67
N MET F 78 -14.12 48.50 -5.83
CA MET F 78 -15.53 48.84 -5.98
C MET F 78 -16.36 47.62 -6.30
N VAL F 79 -15.97 46.89 -7.35
CA VAL F 79 -16.70 45.70 -7.79
C VAL F 79 -16.41 44.57 -6.83
N SER F 80 -16.75 44.79 -5.57
CA SER F 80 -16.49 43.80 -4.55
C SER F 80 -17.57 43.88 -3.48
N THR F 81 -17.49 42.91 -2.60
CA THR F 81 -18.42 42.76 -1.51
C THR F 81 -17.88 43.44 -0.28
N PHE F 98 -18.38 52.87 -0.21
CA PHE F 98 -18.74 52.74 -1.62
C PHE F 98 -19.78 51.65 -1.86
N THR F 99 -21.04 52.05 -2.02
CA THR F 99 -22.14 51.12 -2.07
C THR F 99 -22.84 51.09 -3.42
N SER F 100 -22.34 51.80 -4.42
CA SER F 100 -22.94 51.74 -5.74
C SER F 100 -23.03 50.28 -6.19
N ASN F 101 -24.03 49.99 -7.02
CA ASN F 101 -24.31 48.64 -7.49
C ASN F 101 -24.16 48.50 -9.00
N TYR F 102 -23.56 49.50 -9.65
CA TYR F 102 -23.23 49.44 -11.07
C TYR F 102 -21.87 50.10 -11.27
N VAL F 103 -21.20 49.74 -12.38
CA VAL F 103 -19.88 50.30 -12.70
C VAL F 103 -19.56 50.20 -14.19
N LEU F 104 -19.33 51.33 -14.85
CA LEU F 104 -19.17 51.35 -16.31
C LEU F 104 -17.84 51.97 -16.70
N ALA F 105 -17.24 51.41 -17.75
CA ALA F 105 -15.95 51.88 -18.23
C ALA F 105 -15.77 51.81 -19.74
N LEU F 145 -16.81 57.19 -35.61
CA LEU F 145 -18.25 57.37 -35.52
C LEU F 145 -18.68 58.77 -35.93
N ASN F 146 -19.51 58.80 -36.97
CA ASN F 146 -20.10 60.02 -37.51
C ASN F 146 -21.10 60.66 -36.55
N MET F 147 -20.60 61.51 -35.64
CA MET F 147 -21.42 61.92 -34.50
C MET F 147 -22.61 62.78 -34.91
N ALA F 148 -22.46 63.61 -35.93
CA ALA F 148 -23.57 64.49 -36.31
C ALA F 148 -24.67 63.72 -37.02
N MET F 149 -24.32 62.61 -37.69
CA MET F 149 -25.32 61.73 -38.28
C MET F 149 -25.99 60.87 -37.22
N ALA F 150 -25.19 60.14 -36.44
CA ALA F 150 -25.69 59.19 -35.46
C ALA F 150 -26.52 59.85 -34.37
N THR F 151 -26.61 61.17 -34.38
CA THR F 151 -27.27 61.90 -33.32
C THR F 151 -28.70 62.29 -33.66
N GLU F 152 -29.13 61.98 -34.89
CA GLU F 152 -30.43 62.43 -35.36
C GLU F 152 -31.53 61.47 -34.90
N MET F 153 -32.69 62.04 -34.56
CA MET F 153 -33.80 61.28 -34.01
C MET F 153 -34.39 60.29 -35.01
N CYS F 154 -34.84 59.15 -34.49
CA CYS F 154 -35.38 58.09 -35.33
C CYS F 154 -36.79 58.43 -35.79
N GLN F 159 -40.83 52.60 -29.82
CA GLN F 159 -40.50 53.14 -28.51
C GLN F 159 -39.32 52.38 -27.94
N PRO F 160 -38.38 53.07 -27.30
CA PRO F 160 -37.28 52.35 -26.62
C PRO F 160 -37.62 51.92 -25.21
N ALA F 161 -37.02 50.78 -24.83
CA ALA F 161 -37.23 50.25 -23.49
C ALA F 161 -36.88 51.29 -22.44
N ASN F 162 -35.66 51.81 -22.52
CA ASN F 162 -35.17 52.71 -21.51
C ASN F 162 -34.89 54.07 -22.14
N ARG F 165 -37.33 58.42 -26.51
CA ARG F 165 -37.35 58.40 -27.98
C ARG F 165 -36.11 57.70 -28.54
N CYS F 166 -36.12 57.32 -29.83
CA CYS F 166 -35.05 56.53 -30.41
C CYS F 166 -34.07 57.35 -31.23
N CYS F 167 -33.03 56.65 -31.67
CA CYS F 167 -31.82 57.24 -32.23
C CYS F 167 -31.02 56.09 -32.83
N PRO F 168 -30.12 56.37 -33.79
CA PRO F 168 -29.26 55.29 -34.31
C PRO F 168 -28.12 54.91 -33.40
N LEU F 169 -27.85 55.70 -32.36
CA LEU F 169 -27.03 55.25 -31.25
C LEU F 169 -27.72 54.16 -30.44
N VAL F 170 -29.01 53.95 -30.65
CA VAL F 170 -29.73 52.90 -29.97
C VAL F 170 -29.41 51.53 -30.58
N SER F 187 -27.90 45.86 -29.31
CA SER F 187 -28.15 47.31 -29.35
C SER F 187 -28.02 47.92 -27.97
N ILE F 188 -27.96 49.25 -27.91
CA ILE F 188 -27.83 49.92 -26.63
C ILE F 188 -29.08 49.72 -25.77
N ASP F 189 -30.26 50.05 -26.31
CA ASP F 189 -31.46 49.82 -25.52
C ASP F 189 -31.51 48.38 -25.06
N GLN F 190 -31.12 47.44 -25.92
CA GLN F 190 -31.03 46.04 -25.53
C GLN F 190 -30.16 45.89 -24.29
N ILE F 191 -28.92 46.38 -24.37
CA ILE F 191 -27.97 46.08 -23.32
C ILE F 191 -28.37 46.73 -22.01
N THR F 192 -29.10 47.85 -22.03
CA THR F 192 -29.52 48.46 -20.78
C THR F 192 -30.56 47.61 -20.07
N THR F 193 -31.45 46.99 -20.82
CA THR F 193 -32.44 46.10 -20.22
C THR F 193 -31.75 44.95 -19.47
N MET F 194 -30.84 44.26 -20.16
CA MET F 194 -30.12 43.15 -19.55
C MET F 194 -29.51 43.54 -18.23
N ILE F 195 -28.83 44.68 -18.22
CA ILE F 195 -28.12 45.13 -17.04
C ILE F 195 -29.10 45.44 -15.93
N ILE F 196 -30.14 46.20 -16.25
CA ILE F 196 -31.19 46.47 -15.26
C ILE F 196 -31.68 45.15 -14.68
N ASN F 197 -31.93 44.18 -15.56
CA ASN F 197 -32.38 42.88 -15.11
C ASN F 197 -31.33 42.21 -14.23
N GLU F 198 -30.09 42.12 -14.72
CA GLU F 198 -29.05 41.42 -13.97
C GLU F 198 -28.91 41.94 -12.54
N ARG F 199 -28.70 43.25 -12.37
CA ARG F 199 -28.65 43.77 -11.00
C ARG F 199 -29.90 43.39 -10.25
N ASN F 200 -31.04 43.36 -10.94
CA ASN F 200 -32.29 42.97 -10.30
C ASN F 200 -32.25 41.49 -9.86
N ARG F 201 -31.77 40.58 -10.72
CA ARG F 201 -31.59 39.20 -10.29
C ARG F 201 -30.72 39.12 -9.04
N ARG F 202 -29.59 39.84 -9.05
CA ARG F 202 -28.65 39.79 -7.94
C ARG F 202 -29.27 40.23 -6.62
N SER F 203 -30.24 41.14 -6.65
CA SER F 203 -30.78 41.64 -5.38
C SER F 203 -31.88 40.74 -4.82
N ASN F 204 -32.74 40.17 -5.67
CA ASN F 204 -33.71 39.19 -5.18
C ASN F 204 -33.02 37.96 -4.60
N ILE F 205 -32.06 37.42 -5.35
CA ILE F 205 -31.22 36.35 -4.82
C ILE F 205 -30.63 36.77 -3.47
N GLY F 206 -30.04 37.97 -3.43
CA GLY F 206 -29.40 38.43 -2.20
C GLY F 206 -30.39 38.60 -1.06
N ASN F 207 -31.47 39.34 -1.30
CA ASN F 207 -32.45 39.55 -0.25
C ASN F 207 -33.02 38.24 0.24
N CYS F 208 -33.19 37.28 -0.67
CA CYS F 208 -33.66 35.96 -0.28
C CYS F 208 -32.67 35.31 0.67
N MET F 209 -31.42 35.14 0.21
CA MET F 209 -30.45 34.36 0.99
C MET F 209 -30.27 34.93 2.39
N GLU F 210 -30.37 36.24 2.56
CA GLU F 210 -30.34 36.78 3.91
C GLU F 210 -31.63 36.52 4.65
N ALA F 211 -32.71 36.23 3.92
CA ALA F 211 -33.98 35.86 4.55
C ALA F 211 -33.95 34.43 5.12
N LEU F 212 -33.08 33.57 4.60
CA LEU F 212 -33.02 32.17 5.03
C LEU F 212 -31.82 31.93 5.98
ZN ZN G . 33.64 -16.54 18.90
P PO4 H . 28.29 -18.76 -0.30
O1 PO4 H . 28.59 -17.45 -0.98
O2 PO4 H . 27.13 -18.59 0.65
O3 PO4 H . 29.51 -19.21 0.47
O4 PO4 H . 27.96 -19.80 -1.34
ZN ZN I . 41.88 -49.78 -10.88
P PO4 J . 22.88 -50.78 -16.57
O1 PO4 J . 23.81 -49.70 -17.05
O2 PO4 J . 22.98 -51.98 -17.48
O3 PO4 J . 21.46 -50.26 -16.58
O4 PO4 J . 23.25 -51.19 -15.16
ZN ZN K . -22.39 -4.78 21.61
P PO4 L . -27.36 1.16 3.16
O1 PO4 L . -27.05 1.88 1.87
O2 PO4 L . -28.09 2.10 4.08
O3 PO4 L . -26.09 0.70 3.81
O4 PO4 L . -28.24 -0.03 2.87
ZN ZN M . 6.81 15.72 28.26
ZN ZN N . -41.93 26.51 0.11
ZN ZN O . -32.56 53.17 -34.18
#